data_1XJ9
# 
_entry.id   1XJ9 
# 
_audit_conform.dict_name       mmcif_pdbx.dic 
_audit_conform.dict_version    5.407 
_audit_conform.dict_location   http://mmcif.pdb.org/dictionaries/ascii/mmcif_pdbx.dic 
# 
loop_
_database_2.database_id 
_database_2.database_code 
_database_2.pdbx_database_accession 
_database_2.pdbx_DOI 
PDB   1XJ9         pdb_00001xj9 10.2210/pdb1xj9/pdb 
NDB   UP0006       ?            ?                   
RCSB  RCSB030416   ?            ?                   
WWPDB D_1000030416 ?            ?                   
# 
loop_
_pdbx_audit_revision_history.ordinal 
_pdbx_audit_revision_history.data_content_type 
_pdbx_audit_revision_history.major_revision 
_pdbx_audit_revision_history.minor_revision 
_pdbx_audit_revision_history.revision_date 
_pdbx_audit_revision_history.part_number 
1 'Structure model' 1 0 2005-02-22 ? 
2 'Structure model' 1 1 2008-04-30 ? 
3 'Structure model' 1 2 2011-07-13 ? 
4 'Structure model' 2 0 2023-11-15 ? 
5 'Structure model' 3 0 2025-12-03 ? 
# 
_pdbx_audit_revision_details.ordinal             1 
_pdbx_audit_revision_details.revision_ordinal    1 
_pdbx_audit_revision_details.data_content_type   'Structure model' 
_pdbx_audit_revision_details.provider            repository 
_pdbx_audit_revision_details.type                'Initial release' 
_pdbx_audit_revision_details.description         ? 
_pdbx_audit_revision_details.details             ? 
# 
loop_
_pdbx_audit_revision_group.ordinal 
_pdbx_audit_revision_group.revision_ordinal 
_pdbx_audit_revision_group.data_content_type 
_pdbx_audit_revision_group.group 
1  2 'Structure model' 'Version format compliance' 
2  3 'Structure model' 'Non-polymer description'   
3  3 'Structure model' 'Version format compliance' 
4  4 'Structure model' Advisory                    
5  4 'Structure model' 'Atomic model'              
6  4 'Structure model' 'Data collection'           
7  4 'Structure model' 'Database references'       
8  4 'Structure model' 'Derived calculations'      
9  5 'Structure model' 'Database references'       
10 5 'Structure model' 'Derived calculations'      
11 5 'Structure model' 'Polymer sequence'          
12 5 'Structure model' 'Source and taxonomy'       
13 5 'Structure model' 'Structure summary'         
# 
loop_
_pdbx_audit_revision_category.ordinal 
_pdbx_audit_revision_category.revision_ordinal 
_pdbx_audit_revision_category.data_content_type 
_pdbx_audit_revision_category.category 
1  4 'Structure model' atom_site                    
2  4 'Structure model' chem_comp_atom               
3  4 'Structure model' chem_comp_bond               
4  4 'Structure model' database_2                   
5  4 'Structure model' pdbx_unobs_or_zero_occ_atoms 
6  4 'Structure model' struct_conn                  
7  5 'Structure model' entity                       
8  5 'Structure model' entity_name_com              
9  5 'Structure model' entity_poly                  
10 5 'Structure model' ndb_struct_na_base_pair      
11 5 'Structure model' ndb_struct_na_base_pair_step 
12 5 'Structure model' pdbx_entity_src_syn          
13 5 'Structure model' pdbx_entry_details           
14 5 'Structure model' pdbx_modification_feature    
15 5 'Structure model' struct_conn                  
16 5 'Structure model' struct_conn_type             
17 5 'Structure model' struct_ref                   
# 
loop_
_pdbx_audit_revision_item.ordinal 
_pdbx_audit_revision_item.revision_ordinal 
_pdbx_audit_revision_item.data_content_type 
_pdbx_audit_revision_item.item 
1  4 'Structure model' '_atom_site.auth_atom_id'             
2  4 'Structure model' '_atom_site.label_atom_id'            
3  4 'Structure model' '_database_2.pdbx_DOI'                
4  4 'Structure model' '_database_2.pdbx_database_accession' 
5  4 'Structure model' '_struct_conn.pdbx_leaving_atom_flag' 
6  4 'Structure model' '_struct_conn.ptnr1_label_atom_id'    
7  4 'Structure model' '_struct_conn.ptnr2_label_atom_id'    
8  5 'Structure model' '_entity.formula_weight'              
9  5 'Structure model' '_entity_poly.type'                   
10 5 'Structure model' '_struct_ref.pdbx_align_begin'        
# 
_pdbx_database_status.status_code                     REL 
_pdbx_database_status.entry_id                        1XJ9 
_pdbx_database_status.recvd_initial_deposition_date   2004-09-23 
_pdbx_database_status.deposit_site                    RCSB 
_pdbx_database_status.process_site                    PDBJ 
_pdbx_database_status.status_code_sf                  REL 
_pdbx_database_status.status_code_mr                  ? 
_pdbx_database_status.SG_entry                        ? 
_pdbx_database_status.pdb_format_compatible           Y 
_pdbx_database_status.status_code_cs                  ? 
_pdbx_database_status.status_code_nmr_data            ? 
_pdbx_database_status.methods_development_category    ? 
# 
loop_
_pdbx_database_related.db_name 
_pdbx_database_related.db_id 
_pdbx_database_related.details 
_pdbx_database_related.content_type 
PDB 1PUP 'peptide nucleic acid duplex'                             unspecified 
PDB 1PDT 'Peptide nucleic acid complexed with DNA'                 unspecified 
PDB 1PNN 'peptide nucleic acid/DNA triplex'                        unspecified 
PDB 176D 'peptide nucleic acid complexed with RNA'                 unspecified 
PDB 1NR8 'A D-Lysine-Based Chiral Peptide nucleic acid/DNA Duplex' unspecified 
PDB 1RRU 'peptide nucleic acid with L-Lys in C-terminus'           unspecified 
# 
loop_
_audit_author.name 
_audit_author.pdbx_ordinal 
'Petersson, B.' 1 
'Nielsen, B.B.' 2 
'Rasmussen, H.' 3 
'Larsen, I.K.'  4 
'Gajhede, M.'   5 
'Nielsen, P.E.' 6 
'Kastrup, J.S.' 7 
# 
loop_
_citation.id 
_citation.title 
_citation.journal_abbrev 
_citation.journal_volume 
_citation.page_first 
_citation.page_last 
_citation.year 
_citation.journal_id_ASTM 
_citation.country 
_citation.journal_id_ISSN 
_citation.journal_id_CSD 
_citation.book_publisher 
_citation.pdbx_database_id_PubMed 
_citation.pdbx_database_id_DOI 
primary 'Crystal Structure of a Partly Self-Complementary Peptide Nucleic Acid (PNA) Oligomer Showing a Duplex-Triplex Network' 
J.Am.Chem.Soc.   127 1424 1430 2005 JACSAT US 0002-7863 0004 ? 15686374 10.1021/ja0458726  
1       'Crystal structure of a peptide nucleic acid (PNA) duplex at 1.7 A resolution'                                          
Nat.Struct.Biol. 4   98   101  1997 NSBIEW US 1072-8368 2024 ? 9033585  10.1038/nsb0297-98 
# 
loop_
_citation_author.citation_id 
_citation_author.name 
_citation_author.ordinal 
_citation_author.identifier_ORCID 
primary 'Petersson, B.' 1  ? 
primary 'Nielsen, B.B.' 2  ? 
primary 'Rasmussen, H.' 3  ? 
primary 'Larsen, I.K.'  4  ? 
primary 'Gajhede, M.'   5  ? 
primary 'Nielsen, P.E.' 6  ? 
primary 'Kastrup, J.S.' 7  ? 
1       'Rasmussen, H.' 8  ? 
1       'Kastrup, J.S.' 9  ? 
1       'Nielsen, J.N.' 10 ? 
1       'Nielsen, J.M.' 11 ? 
1       'Nielsen, P.E.' 12 ? 
# 
loop_
_entity.id 
_entity.type 
_entity.src_method 
_entity.pdbx_description 
_entity.formula_weight 
_entity.pdbx_number_of_molecules 
_entity.pdbx_ec 
_entity.pdbx_mutation 
_entity.pdbx_fragment 
_entity.details 
1 polymer syn 'peptide nucleic acid, (H-P(*GPN*TPN*APN*GPN*APN*TPN*CPN*APN*CPN*TPN)-LYS-NH2)' 2866.849 2  ? ? ? ? 
2 water   nat water                                                                           18.015   33 ? ? ? ? 
# 
_entity_poly.entity_id                      1 
_entity_poly.type                           'peptide nucleic acid' 
_entity_poly.nstd_linkage                   no 
_entity_poly.nstd_monomer                   yes 
_entity_poly.pdbx_seq_one_letter_code       '(GPN)(TPN)(APN)(GPN)(APN)(TPN)(CPN)(APN)(CPN)(TPN)K' 
_entity_poly.pdbx_seq_one_letter_code_can   XXXXXXXXXXK 
_entity_poly.pdbx_strand_id                 A,B 
_entity_poly.pdbx_target_identifier         ? 
# 
_pdbx_entity_nonpoly.entity_id   2 
_pdbx_entity_nonpoly.name        water 
_pdbx_entity_nonpoly.comp_id     HOH 
# 
loop_
_entity_poly_seq.entity_id 
_entity_poly_seq.num 
_entity_poly_seq.mon_id 
_entity_poly_seq.hetero 
1 1  GPN n 
1 2  TPN n 
1 3  APN n 
1 4  GPN n 
1 5  APN n 
1 6  TPN n 
1 7  CPN n 
1 8  APN n 
1 9  CPN n 
1 10 TPN n 
1 11 LYS n 
# 
_pdbx_entity_src_syn.entity_id              1 
_pdbx_entity_src_syn.pdbx_src_id            1 
_pdbx_entity_src_syn.pdbx_alt_source_flag   sample 
_pdbx_entity_src_syn.pdbx_beg_seq_num       1 
_pdbx_entity_src_syn.pdbx_end_seq_num       11 
_pdbx_entity_src_syn.organism_scientific    'synthetic construct' 
_pdbx_entity_src_syn.organism_common_name   ? 
_pdbx_entity_src_syn.ncbi_taxonomy_id       32630 
_pdbx_entity_src_syn.details                ? 
# 
loop_
_chem_comp.id 
_chem_comp.type 
_chem_comp.mon_nstd_flag 
_chem_comp.name 
_chem_comp.pdbx_synonyms 
_chem_comp.formula 
_chem_comp.formula_weight 
APN peptide-like        . 2-AMINOETHYLGLYCINE-CARBONYLMETHYLENE-ADENINE  ? 'C11 H16 N7 O3 1' 294.290 
CPN peptide-like        . 2-AMINOETHYLGLYCINE-CARBONYLMETHYLENE-CYTOSINE ? 'C10 H16 N5 O4 1' 270.265 
GPN peptide-like        . 2-AMINOETHYLGLYCINE-CARBONYLMETHYLENE-GUANINE  ? 'C11 H16 N7 O4 1' 310.289 
HOH non-polymer         . WATER                                          ? 'H2 O'            18.015  
LYS 'L-peptide linking' y LYSINE                                         ? 'C6 H15 N2 O2 1'  147.195 
TPN peptide-like        . 2-AMINOETHYLGLYCINE-CARBONYLMETHYLENE-THYMINE  ? 'C11 H17 N4 O5 1' 285.276 
# 
loop_
_pdbx_poly_seq_scheme.asym_id 
_pdbx_poly_seq_scheme.entity_id 
_pdbx_poly_seq_scheme.seq_id 
_pdbx_poly_seq_scheme.mon_id 
_pdbx_poly_seq_scheme.ndb_seq_num 
_pdbx_poly_seq_scheme.pdb_seq_num 
_pdbx_poly_seq_scheme.auth_seq_num 
_pdbx_poly_seq_scheme.pdb_mon_id 
_pdbx_poly_seq_scheme.auth_mon_id 
_pdbx_poly_seq_scheme.pdb_strand_id 
_pdbx_poly_seq_scheme.pdb_ins_code 
_pdbx_poly_seq_scheme.hetero 
A 1 1  GPN 1  101 ?   ?   ?   A . n 
A 1 2  TPN 2  102 ?   ?   ?   A . n 
A 1 3  APN 3  103 103 APN APN A . n 
A 1 4  GPN 4  104 104 GPN GPN A . n 
A 1 5  APN 5  105 105 APN APN A . n 
A 1 6  TPN 6  106 106 TPN TPN A . n 
A 1 7  CPN 7  107 107 CPN CPN A . n 
A 1 8  APN 8  108 108 APN APN A . n 
A 1 9  CPN 9  109 109 CPN CPN A . n 
A 1 10 TPN 10 110 110 TPN TPN A . n 
A 1 11 LYS 11 111 111 LYS LYS A . n 
B 1 1  GPN 1  201 ?   ?   ?   B . n 
B 1 2  TPN 2  202 ?   ?   ?   B . n 
B 1 3  APN 3  203 203 APN APN B . n 
B 1 4  GPN 4  204 204 GPN GPN B . n 
B 1 5  APN 5  205 205 APN APN B . n 
B 1 6  TPN 6  206 206 TPN TPN B . n 
B 1 7  CPN 7  207 207 CPN CPN B . n 
B 1 8  APN 8  208 208 APN APN B . n 
B 1 9  CPN 9  209 209 CPN CPN B . n 
B 1 10 TPN 10 210 210 TPN TPN B . n 
B 1 11 LYS 11 211 211 LYS LYS B . n 
# 
loop_
_pdbx_nonpoly_scheme.asym_id 
_pdbx_nonpoly_scheme.entity_id 
_pdbx_nonpoly_scheme.mon_id 
_pdbx_nonpoly_scheme.ndb_seq_num 
_pdbx_nonpoly_scheme.pdb_seq_num 
_pdbx_nonpoly_scheme.auth_seq_num 
_pdbx_nonpoly_scheme.pdb_mon_id 
_pdbx_nonpoly_scheme.auth_mon_id 
_pdbx_nonpoly_scheme.pdb_strand_id 
_pdbx_nonpoly_scheme.pdb_ins_code 
C 2 HOH 1  1  1  HOH HOH A . 
C 2 HOH 2  4  4  HOH HOH A . 
C 2 HOH 3  6  6  HOH HOH A . 
C 2 HOH 4  8  8  HOH HOH A . 
C 2 HOH 5  9  9  HOH HOH A . 
C 2 HOH 6  11 11 HOH HOH A . 
C 2 HOH 7  12 12 HOH HOH A . 
C 2 HOH 8  13 13 HOH HOH A . 
C 2 HOH 9  14 14 HOH HOH A . 
C 2 HOH 10 16 16 HOH HOH A . 
C 2 HOH 11 17 17 HOH HOH A . 
C 2 HOH 12 20 20 HOH HOH A . 
C 2 HOH 13 22 22 HOH HOH A . 
C 2 HOH 14 24 24 HOH HOH A . 
C 2 HOH 15 25 25 HOH HOH A . 
C 2 HOH 16 30 30 HOH HOH A . 
C 2 HOH 17 31 31 HOH HOH A . 
C 2 HOH 18 32 32 HOH HOH A . 
C 2 HOH 19 33 33 HOH HOH A . 
D 2 HOH 1  2  2  HOH HOH B . 
D 2 HOH 2  3  3  HOH HOH B . 
D 2 HOH 3  5  5  HOH HOH B . 
D 2 HOH 4  7  7  HOH HOH B . 
D 2 HOH 5  10 10 HOH HOH B . 
D 2 HOH 6  15 15 HOH HOH B . 
D 2 HOH 7  18 18 HOH HOH B . 
D 2 HOH 8  19 19 HOH HOH B . 
D 2 HOH 9  21 21 HOH HOH B . 
D 2 HOH 10 23 23 HOH HOH B . 
D 2 HOH 11 26 26 HOH HOH B . 
D 2 HOH 12 27 27 HOH HOH B . 
D 2 HOH 13 28 28 HOH HOH B . 
D 2 HOH 14 29 29 HOH HOH B . 
# 
loop_
_software.name 
_software.classification 
_software.version 
_software.citation_id 
_software.pdbx_ordinal 
DENZO     'data reduction' . ? 1 
SCALEPACK 'data scaling'   . ? 2 
SOLVE     phasing          . ? 3 
CNS       refinement       . ? 4 
# 
_cell.entry_id           1XJ9 
_cell.length_a           55.600 
_cell.length_b           41.900 
_cell.length_c           30.100 
_cell.angle_alpha        90.00 
_cell.angle_beta         117.70 
_cell.angle_gamma        90.00 
_cell.Z_PDB              8 
_cell.pdbx_unique_axis   ? 
# 
_symmetry.entry_id                         1XJ9 
_symmetry.space_group_name_H-M             'C 1 2 1' 
_symmetry.pdbx_full_space_group_name_H-M   ? 
_symmetry.cell_setting                     ? 
_symmetry.Int_Tables_number                5 
_symmetry.space_group_name_Hall            ? 
# 
_exptl.entry_id          1XJ9 
_exptl.method            'X-RAY DIFFRACTION' 
_exptl.crystals_number   2 
# 
loop_
_exptl_crystal.id 
_exptl_crystal.density_meas 
_exptl_crystal.density_Matthews 
_exptl_crystal.density_percent_sol 
_exptl_crystal.description 
_exptl_crystal.F_000 
_exptl_crystal.preparation 
1 ? 2.77 55.59 ? ? ? 
2 ? ?    ?     ? ? ? 
# 
loop_
_exptl_crystal_grow.crystal_id 
_exptl_crystal_grow.method 
_exptl_crystal_grow.temp 
_exptl_crystal_grow.temp_details 
_exptl_crystal_grow.pH 
_exptl_crystal_grow.pdbx_details 
_exptl_crystal_grow.pdbx_pH_range 
1 'VAPOR DIFFUSION, HANGING DROP' 293 ? ? 
'crystal 1: magnesium chloride, PEG 8000, glycerol, VAPOR DIFFUSION, HANGING DROP, temperature 293K'         . 
2 'VAPOR DIFFUSION, SITTING DROP' 293 ? ? 
'crystal 2: isopropanol, calcium chloride, acetate, pH 4.8, VAPOR DIFFUSION, SITTING DROP, temperature 293K' . 
# 
loop_
_exptl_crystal_grow_comp.crystal_id 
_exptl_crystal_grow_comp.id 
_exptl_crystal_grow_comp.sol_id 
_exptl_crystal_grow_comp.name 
_exptl_crystal_grow_comp.volume 
_exptl_crystal_grow_comp.conc 
_exptl_crystal_grow_comp.details 
1 1  1 'magnesium chloride' ? ? ? 
1 2  1 'PEG 8000'           ? ? ? 
1 3  1 glycerol             ? ? ? 
1 4  1 H2O                  ? ? ? 
1 5  2 'PEG 8000'           ? ? ? 
1 6  2 H2O                  ? ? ? 
2 7  1 isopropanol          ? ? ? 
2 8  1 'calcium chloride'   ? ? ? 
2 9  1 acetate              ? ? ? 
2 10 1 H2O                  ? ? ? 
2 11 2 isopropanol          ? ? ? 
2 12 2 'calcium chloride'   ? ? ? 
2 13 2 acetate              ? ? ? 
2 14 2 H2O                  ? ? ? 
# 
_diffrn.id                     1 
_diffrn.ambient_temp           293 
_diffrn.ambient_temp_details   ? 
_diffrn.crystal_id             1 
# 
_diffrn_detector.diffrn_id              1 
_diffrn_detector.detector               'IMAGE PLATE' 
_diffrn_detector.type                   MARRESEARCH 
_diffrn_detector.pdbx_collection_date   1998-02-17 
_diffrn_detector.details                ? 
# 
_diffrn_radiation.diffrn_id                        1 
_diffrn_radiation.wavelength_id                    1 
_diffrn_radiation.pdbx_monochromatic_or_laue_m_l   M 
_diffrn_radiation.monochromator                    ? 
_diffrn_radiation.pdbx_diffrn_protocol             'SINGLE WAVELENGTH' 
_diffrn_radiation.pdbx_scattering_type             x-ray 
# 
_diffrn_radiation_wavelength.id           1 
_diffrn_radiation_wavelength.wavelength   1.0000 
_diffrn_radiation_wavelength.wt           1.0 
# 
_diffrn_source.diffrn_id                   1 
_diffrn_source.source                      SYNCHROTRON 
_diffrn_source.type                        'ESRF BEAMLINE BM14' 
_diffrn_source.pdbx_synchrotron_site       ESRF 
_diffrn_source.pdbx_synchrotron_beamline   BM14 
_diffrn_source.pdbx_wavelength             ? 
_diffrn_source.pdbx_wavelength_list        1.0000 
# 
_reflns.entry_id                     1XJ9 
_reflns.observed_criterion_sigma_F   0.0 
_reflns.observed_criterion_sigma_I   0.0 
_reflns.d_resolution_high            2.6 
_reflns.d_resolution_low             30.0 
_reflns.number_all                   1839 
_reflns.number_obs                   1839 
_reflns.percent_possible_obs         98.6 
_reflns.pdbx_Rmerge_I_obs            0.045 
_reflns.pdbx_Rsym_value              ? 
_reflns.pdbx_netI_over_sigmaI        22.4 
_reflns.B_iso_Wilson_estimate        ? 
_reflns.pdbx_redundancy              3.0 
_reflns.R_free_details               ? 
_reflns.pdbx_chi_squared             ? 
_reflns.pdbx_scaling_rejects         ? 
_reflns.pdbx_ordinal                 1 
_reflns.pdbx_diffrn_id               1 
# 
_reflns_shell.d_res_high             2.60 
_reflns_shell.d_res_low              2.69 
_reflns_shell.percent_possible_all   95.6 
_reflns_shell.Rmerge_I_obs           0.183 
_reflns_shell.pdbx_Rsym_value        ? 
_reflns_shell.meanI_over_sigI_obs    5.3 
_reflns_shell.pdbx_redundancy        ? 
_reflns_shell.percent_possible_obs   ? 
_reflns_shell.number_unique_all      172 
_reflns_shell.number_measured_all    ? 
_reflns_shell.number_measured_obs    ? 
_reflns_shell.number_unique_obs      ? 
_reflns_shell.pdbx_chi_squared       ? 
_reflns_shell.pdbx_ordinal           1 
_reflns_shell.pdbx_diffrn_id         1 
# 
_refine.entry_id                                 1XJ9 
_refine.ls_d_res_high                            2.6 
_refine.ls_d_res_low                             27.0 
_refine.pdbx_ls_sigma_F                          3.0 
_refine.pdbx_ls_sigma_I                          ? 
_refine.ls_number_reflns_all                     1839 
_refine.ls_number_reflns_obs                     1517 
_refine.ls_number_reflns_R_free                  141 
_refine.ls_percent_reflns_obs                    78.2 
_refine.ls_R_factor_all                          ? 
_refine.ls_R_factor_obs                          ? 
_refine.ls_R_factor_R_work                       0.255 
_refine.ls_R_factor_R_free                       0.277 
_refine.ls_redundancy_reflns_obs                 ? 
_refine.pdbx_data_cutoff_high_absF               ? 
_refine.pdbx_data_cutoff_low_absF                ? 
_refine.ls_number_parameters                     ? 
_refine.ls_number_restraints                     ? 
_refine.ls_percent_reflns_R_free                 ? 
_refine.ls_R_factor_R_free_error                 ? 
_refine.ls_R_factor_R_free_error_details         ? 
_refine.pdbx_method_to_determine_struct          
;crystal 1: single wavelength protocol.
crystal 2: MAD protocol with data collected on 5-bromo-uracil derivative crystal
at 0.9177, 0.9185, 0.9110, 0.9218 A.
the condition for crystal 2 was as follows.
collection data: 05-NOV-2000, temperature(kelvin): 110, PH: 4.80, the details of the source of radiation: synchrotron, EMBL/DESY, HAMBURG beamline BW7A
;
_refine.pdbx_starting_model                      ? 
_refine.pdbx_ls_cross_valid_method               THROUGHOUT 
_refine.pdbx_R_Free_selection_details            random 
_refine.pdbx_stereochem_target_val_spec_case     ? 
_refine.pdbx_stereochemistry_target_values       'Engh & Huber' 
_refine.solvent_model_details                    ? 
_refine.solvent_model_param_bsol                 ? 
_refine.solvent_model_param_ksol                 ? 
_refine.occupancy_max                            ? 
_refine.occupancy_min                            ? 
_refine.pdbx_isotropic_thermal_model             Isotropic 
_refine.B_iso_mean                               42.5 
_refine.aniso_B[1][1]                            ? 
_refine.aniso_B[1][2]                            ? 
_refine.aniso_B[1][3]                            ? 
_refine.aniso_B[2][2]                            ? 
_refine.aniso_B[2][3]                            ? 
_refine.aniso_B[3][3]                            ? 
_refine.details                                  'Own parameter and topology files created' 
_refine.correlation_coeff_Fo_to_Fc               ? 
_refine.correlation_coeff_Fo_to_Fc_free          ? 
_refine.pdbx_solvent_vdw_probe_radii             ? 
_refine.pdbx_solvent_ion_probe_radii             ? 
_refine.pdbx_solvent_shrinkage_radii             ? 
_refine.overall_SU_R_Cruickshank_DPI             ? 
_refine.overall_SU_R_free                        ? 
_refine.overall_SU_B                             ? 
_refine.overall_SU_ML                            ? 
_refine.pdbx_overall_ESU_R                       ? 
_refine.pdbx_overall_ESU_R_Free                  ? 
_refine.pdbx_data_cutoff_high_rms_absF           ? 
_refine.ls_wR_factor_R_free                      ? 
_refine.ls_wR_factor_R_work                      ? 
_refine.overall_FOM_free_R_set                   ? 
_refine.overall_FOM_work_R_set                   ? 
_refine.pdbx_refine_id                           'X-RAY DIFFRACTION' 
_refine.pdbx_diffrn_id                           1 
_refine.pdbx_TLS_residual_ADP_flag               ? 
_refine.pdbx_overall_phase_error                 ? 
_refine.pdbx_overall_SU_R_free_Cruickshank_DPI   ? 
_refine.pdbx_overall_SU_R_Blow_DPI               ? 
_refine.pdbx_overall_SU_R_free_Blow_DPI          ? 
# 
_refine_analyze.entry_id                        1XJ9 
_refine_analyze.Luzzati_coordinate_error_obs    0.36 
_refine_analyze.Luzzati_sigma_a_obs             0.34 
_refine_analyze.Luzzati_d_res_low_obs           5 
_refine_analyze.Luzzati_coordinate_error_free   0.42 
_refine_analyze.Luzzati_sigma_a_free            0.42 
_refine_analyze.Luzzati_d_res_low_free          ? 
_refine_analyze.number_disordered_residues      ? 
_refine_analyze.occupancy_sum_non_hydrogen      ? 
_refine_analyze.occupancy_sum_hydrogen          ? 
_refine_analyze.pdbx_refine_id                  'X-RAY DIFFRACTION' 
# 
_refine_hist.pdbx_refine_id                   'X-RAY DIFFRACTION' 
_refine_hist.cycle_id                         LAST 
_refine_hist.pdbx_number_atoms_protein        312 
_refine_hist.pdbx_number_atoms_nucleic_acid   0 
_refine_hist.pdbx_number_atoms_ligand         0 
_refine_hist.number_atoms_solvent             33 
_refine_hist.number_atoms_total               345 
_refine_hist.d_res_high                       2.6 
_refine_hist.d_res_low                        27.0 
# 
loop_
_refine_ls_restr.type 
_refine_ls_restr.dev_ideal 
_refine_ls_restr.dev_ideal_target 
_refine_ls_restr.weight 
_refine_ls_restr.number 
_refine_ls_restr.pdbx_refine_id 
_refine_ls_restr.pdbx_restraint_function 
c_angle_deg 1.3   ? ? ? 'X-RAY DIFFRACTION' ? 
c_bond_d    0.009 ? ? ? 'X-RAY DIFFRACTION' ? 
# 
_refine_ls_shell.pdbx_total_number_of_bins_used   ? 
_refine_ls_shell.d_res_high                       2.60 
_refine_ls_shell.d_res_low                        2.86 
_refine_ls_shell.number_reflns_R_work             ? 
_refine_ls_shell.R_factor_R_work                  0.344 
_refine_ls_shell.percent_reflns_obs               70.9 
_refine_ls_shell.R_factor_R_free                  0.401 
_refine_ls_shell.R_factor_R_free_error            0.092 
_refine_ls_shell.percent_reflns_R_free            ? 
_refine_ls_shell.number_reflns_R_free             22 
_refine_ls_shell.redundancy_reflns_obs            ? 
_refine_ls_shell.pdbx_refine_id                   'X-RAY DIFFRACTION' 
_refine_ls_shell.number_reflns_all                ? 
_refine_ls_shell.R_factor_all                     ? 
# 
_struct.entry_id                  1XJ9 
_struct.title                     
'Crystal structure of a partly self-complementary peptide nucleic acid (PNA) oligomer showing a duplex-triplex network' 
_struct.pdbx_model_details        ? 
_struct.pdbx_CASP_flag            ? 
_struct.pdbx_model_type_details   ? 
# 
_struct_keywords.entry_id        1XJ9 
_struct_keywords.pdbx_keywords   'PEPTIDE NUCLEIC ACID' 
_struct_keywords.text            
'PNA, peptide nucleic acid, partly self-complementary, duplex-triplex complex, right-handed, left-handed' 
# 
loop_
_struct_asym.id 
_struct_asym.pdbx_blank_PDB_chainid_flag 
_struct_asym.pdbx_modified 
_struct_asym.entity_id 
_struct_asym.details 
A N N 1 ? 
B N N 1 ? 
C N N 2 ? 
D N N 2 ? 
# 
_struct_ref.id                         1 
_struct_ref.db_name                    PDB 
_struct_ref.db_code                    1XJ9 
_struct_ref.pdbx_db_accession          1XJ9 
_struct_ref.pdbx_db_isoform            ? 
_struct_ref.entity_id                  1 
_struct_ref.pdbx_seq_one_letter_code   ? 
_struct_ref.pdbx_align_begin           1 
# 
loop_
_struct_ref_seq.align_id 
_struct_ref_seq.ref_id 
_struct_ref_seq.pdbx_PDB_id_code 
_struct_ref_seq.pdbx_strand_id 
_struct_ref_seq.seq_align_beg 
_struct_ref_seq.pdbx_seq_align_beg_ins_code 
_struct_ref_seq.seq_align_end 
_struct_ref_seq.pdbx_seq_align_end_ins_code 
_struct_ref_seq.pdbx_db_accession 
_struct_ref_seq.db_align_beg 
_struct_ref_seq.pdbx_db_align_beg_ins_code 
_struct_ref_seq.db_align_end 
_struct_ref_seq.pdbx_db_align_end_ins_code 
_struct_ref_seq.pdbx_auth_seq_align_beg 
_struct_ref_seq.pdbx_auth_seq_align_end 
1 1 1XJ9 A 1 ? 11 ? 1XJ9 101 ? 111 ? 101 111 
2 1 1XJ9 B 1 ? 11 ? 1XJ9 201 ? 211 ? 201 211 
# 
loop_
_pdbx_struct_assembly.id 
_pdbx_struct_assembly.details 
_pdbx_struct_assembly.method_details 
_pdbx_struct_assembly.oligomeric_details 
_pdbx_struct_assembly.oligomeric_count 
1 author_defined_assembly ? dimeric 2 
2 author_defined_assembly ? dimeric 2 
# 
loop_
_pdbx_struct_assembly_gen.assembly_id 
_pdbx_struct_assembly_gen.oper_expression 
_pdbx_struct_assembly_gen.asym_id_list 
1 1,2 A,C 
2 1,3 B,D 
# 
loop_
_pdbx_struct_oper_list.id 
_pdbx_struct_oper_list.type 
_pdbx_struct_oper_list.name 
_pdbx_struct_oper_list.symmetry_operation 
_pdbx_struct_oper_list.matrix[1][1] 
_pdbx_struct_oper_list.matrix[1][2] 
_pdbx_struct_oper_list.matrix[1][3] 
_pdbx_struct_oper_list.vector[1] 
_pdbx_struct_oper_list.matrix[2][1] 
_pdbx_struct_oper_list.matrix[2][2] 
_pdbx_struct_oper_list.matrix[2][3] 
_pdbx_struct_oper_list.vector[2] 
_pdbx_struct_oper_list.matrix[3][1] 
_pdbx_struct_oper_list.matrix[3][2] 
_pdbx_struct_oper_list.matrix[3][3] 
_pdbx_struct_oper_list.vector[3] 
1 'identity operation'         1_555 x,y,z       1.0000000000  0.0000000000 0.0000000000 0.0000000000  0.0000000000 1.0000000000 0.0000000000 0.0000000000  0.0000000000 0.0000000000 1.0000000000  0.0000000000   
2 'crystal symmetry operation' 2_756 -x+2,y,-z+1 -0.2583679236 0.9627803575 0.0793725342 6.7558090528  0.9627803575 0.2498731465 0.1030407385 -3.3076726537 0.0793725342 0.1030407385 -0.9915052229 -23.0024460382 
3 'crystal symmetry operation' 2_655 -x+1,y,-z   -0.2583679236 0.9627803575 0.0793725342 -6.4247723548 0.9627803575 0.2498731465 0.1030407385 2.9535217810  0.0793725342 0.1030407385 -0.9915052229 24.2051551498  
# 
loop_
_struct_biol.id 
_struct_biol.details 
_struct_biol.pdbx_parent_biol_id 
1 
;THIS ENTRY CONTAINS THE CRYSTALLOGRAPHIC ASYMMETRIC UNIT                 
WHICH CONSISTS OF 2 CHAINS.   
A right-handed duplex (from chain A) is generated with the symmetry operation: -x+2, y, -z+1.
;
? 
2 'A left-handed duplex (from chain B) is generated with the symmetry operation: -x+1, y, -z' ? 
# 
loop_
_struct_conn.id 
_struct_conn.conn_type_id 
_struct_conn.pdbx_leaving_atom_flag 
_struct_conn.pdbx_PDB_id 
_struct_conn.ptnr1_label_asym_id 
_struct_conn.ptnr1_label_comp_id 
_struct_conn.ptnr1_label_seq_id 
_struct_conn.ptnr1_label_atom_id 
_struct_conn.pdbx_ptnr1_label_alt_id 
_struct_conn.pdbx_ptnr1_PDB_ins_code 
_struct_conn.pdbx_ptnr1_standard_comp_id 
_struct_conn.ptnr1_symmetry 
_struct_conn.ptnr2_label_asym_id 
_struct_conn.ptnr2_label_comp_id 
_struct_conn.ptnr2_label_seq_id 
_struct_conn.ptnr2_label_atom_id 
_struct_conn.pdbx_ptnr2_label_alt_id 
_struct_conn.pdbx_ptnr2_PDB_ins_code 
_struct_conn.ptnr1_auth_asym_id 
_struct_conn.ptnr1_auth_comp_id 
_struct_conn.ptnr1_auth_seq_id 
_struct_conn.ptnr2_auth_asym_id 
_struct_conn.ptnr2_auth_comp_id 
_struct_conn.ptnr2_auth_seq_id 
_struct_conn.ptnr2_symmetry 
_struct_conn.pdbx_ptnr3_label_atom_id 
_struct_conn.pdbx_ptnr3_label_seq_id 
_struct_conn.pdbx_ptnr3_label_comp_id 
_struct_conn.pdbx_ptnr3_label_asym_id 
_struct_conn.pdbx_ptnr3_label_alt_id 
_struct_conn.pdbx_ptnr3_PDB_ins_code 
_struct_conn.details 
_struct_conn.pdbx_dist_value 
_struct_conn.pdbx_value_order 
_struct_conn.pdbx_role 
covale1  covale both ? A APN 3  C A ? ? 1_555 A GPN 4  N A ? A APN 103 A GPN 104 1_555 ? ? ? ? ? ? ? 1.336 ? ? 
covale2  covale both ? A APN 3  C B ? ? 1_555 A GPN 4  N B ? A APN 103 A GPN 104 1_555 ? ? ? ? ? ? ? 1.332 ? ? 
covale3  covale both ? A GPN 4  C ? ? ? 1_555 A APN 5  N ? ? A GPN 104 A APN 105 1_555 ? ? ? ? ? ? ? 1.325 ? ? 
covale4  covale both ? A APN 5  C ? ? ? 1_555 A TPN 6  N ? ? A APN 105 A TPN 106 1_555 ? ? ? ? ? ? ? 1.329 ? ? 
covale5  covale both ? A TPN 6  C ? ? ? 1_555 A CPN 7  N ? ? A TPN 106 A CPN 107 1_555 ? ? ? ? ? ? ? 1.337 ? ? 
covale6  covale both ? A CPN 7  C A ? ? 1_555 A APN 8  N A ? A CPN 107 A APN 108 1_555 ? ? ? ? ? ? ? 1.324 ? ? 
covale7  covale both ? A CPN 7  C B ? ? 1_555 A APN 8  N B ? A CPN 107 A APN 108 1_555 ? ? ? ? ? ? ? 1.328 ? ? 
covale8  covale both ? A APN 8  C A ? ? 1_555 A CPN 9  N A ? A APN 108 A CPN 109 1_555 ? ? ? ? ? ? ? 1.333 ? ? 
covale9  covale both ? A APN 8  C B ? ? 1_555 A CPN 9  N B ? A APN 108 A CPN 109 1_555 ? ? ? ? ? ? ? 1.311 ? ? 
covale10 covale both ? A CPN 9  C ? ? ? 1_555 A TPN 10 N ? ? A CPN 109 A TPN 110 1_555 ? ? ? ? ? ? ? 1.333 ? ? 
covale11 covale both ? A TPN 10 C ? ? ? 1_555 A LYS 11 N ? ? A TPN 110 A LYS 111 1_555 ? ? ? ? ? ? ? 1.329 ? ? 
covale12 covale both ? B APN 3  C A ? ? 1_555 B GPN 4  N A ? B APN 203 B GPN 204 1_555 ? ? ? ? ? ? ? 1.339 ? ? 
covale13 covale both ? B APN 3  C B ? ? 1_555 B GPN 4  N B ? B APN 203 B GPN 204 1_555 ? ? ? ? ? ? ? 1.334 ? ? 
covale14 covale both ? B GPN 4  C ? ? ? 1_555 B APN 5  N ? ? B GPN 204 B APN 205 1_555 ? ? ? ? ? ? ? 1.335 ? ? 
covale15 covale both ? B APN 5  C ? ? ? 1_555 B TPN 6  N ? ? B APN 205 B TPN 206 1_555 ? ? ? ? ? ? ? 1.339 ? ? 
covale16 covale both ? B TPN 6  C ? ? ? 1_555 B CPN 7  N ? ? B TPN 206 B CPN 207 1_555 ? ? ? ? ? ? ? 1.316 ? ? 
covale17 covale both ? B CPN 7  C A ? ? 1_555 B APN 8  N A ? B CPN 207 B APN 208 1_555 ? ? ? ? ? ? ? 1.325 ? ? 
covale18 covale both ? B CPN 7  C B ? ? 1_555 B APN 8  N B ? B CPN 207 B APN 208 1_555 ? ? ? ? ? ? ? 1.297 ? ? 
covale19 covale both ? B APN 8  C A ? ? 1_555 B CPN 9  N A ? B APN 208 B CPN 209 1_555 ? ? ? ? ? ? ? 1.316 ? ? 
covale20 covale both ? B APN 8  C B ? ? 1_555 B CPN 9  N B ? B APN 208 B CPN 209 1_555 ? ? ? ? ? ? ? 1.307 ? ? 
covale21 covale both ? B CPN 9  C ? ? ? 1_555 B TPN 10 N ? ? B CPN 209 B TPN 210 1_555 ? ? ? ? ? ? ? 1.336 ? ? 
covale22 covale both ? B TPN 10 C ? ? ? 1_555 B LYS 11 N ? ? B TPN 210 B LYS 211 1_555 ? ? ? ? ? ? ? 1.328 ? ? 
# 
_struct_conn_type.id          covale 
_struct_conn_type.criteria    ? 
_struct_conn_type.reference   ? 
# 
loop_
_pdbx_modification_feature.ordinal 
_pdbx_modification_feature.label_comp_id 
_pdbx_modification_feature.label_asym_id 
_pdbx_modification_feature.label_seq_id 
_pdbx_modification_feature.label_alt_id 
_pdbx_modification_feature.modified_residue_label_comp_id 
_pdbx_modification_feature.modified_residue_label_asym_id 
_pdbx_modification_feature.modified_residue_label_seq_id 
_pdbx_modification_feature.modified_residue_label_alt_id 
_pdbx_modification_feature.auth_comp_id 
_pdbx_modification_feature.auth_asym_id 
_pdbx_modification_feature.auth_seq_id 
_pdbx_modification_feature.PDB_ins_code 
_pdbx_modification_feature.symmetry 
_pdbx_modification_feature.modified_residue_auth_comp_id 
_pdbx_modification_feature.modified_residue_auth_asym_id 
_pdbx_modification_feature.modified_residue_auth_seq_id 
_pdbx_modification_feature.modified_residue_PDB_ins_code 
_pdbx_modification_feature.modified_residue_symmetry 
_pdbx_modification_feature.comp_id_linking_atom 
_pdbx_modification_feature.modified_residue_id_linking_atom 
_pdbx_modification_feature.modified_residue_id 
_pdbx_modification_feature.ref_pcm_id 
_pdbx_modification_feature.ref_comp_id 
_pdbx_modification_feature.type 
_pdbx_modification_feature.category 
1  APN A 3  A . . . . APN A 103 ? 1_555 . . . . . . . ? 1 APN None 'Non-standard residue' 
2  APN A 3  B . . . . APN A 103 ? 1_555 . . . . . . . ? 1 APN None 'Non-standard residue' 
3  GPN A 4  ? . . . . GPN A 104 ? 1_555 . . . . . . . ? 1 GPN None 'Non-standard residue' 
4  GPN A 4  A . . . . GPN A 104 ? 1_555 . . . . . . . ? 1 GPN None 'Non-standard residue' 
5  GPN A 4  B . . . . GPN A 104 ? 1_555 . . . . . . . ? 1 GPN None 'Non-standard residue' 
6  APN A 5  ? . . . . APN A 105 ? 1_555 . . . . . . . ? 1 APN None 'Non-standard residue' 
7  TPN A 6  ? . . . . TPN A 106 ? 1_555 . . . . . . . ? 1 TPN None 'Non-standard residue' 
8  CPN A 7  ? . . . . CPN A 107 ? 1_555 . . . . . . . ? 1 CPN None 'Non-standard residue' 
9  CPN A 7  A . . . . CPN A 107 ? 1_555 . . . . . . . ? 1 CPN None 'Non-standard residue' 
10 CPN A 7  B . . . . CPN A 107 ? 1_555 . . . . . . . ? 1 CPN None 'Non-standard residue' 
11 APN A 8  A . . . . APN A 108 ? 1_555 . . . . . . . ? 1 APN None 'Non-standard residue' 
12 APN A 8  B . . . . APN A 108 ? 1_555 . . . . . . . ? 1 APN None 'Non-standard residue' 
13 CPN A 9  ? . . . . CPN A 109 ? 1_555 . . . . . . . ? 1 CPN None 'Non-standard residue' 
14 CPN A 9  A . . . . CPN A 109 ? 1_555 . . . . . . . ? 1 CPN None 'Non-standard residue' 
15 CPN A 9  B . . . . CPN A 109 ? 1_555 . . . . . . . ? 1 CPN None 'Non-standard residue' 
16 TPN A 10 ? . . . . TPN A 110 ? 1_555 . . . . . . . ? 1 TPN None 'Non-standard residue' 
17 APN B 3  A . . . . APN B 203 ? 1_555 . . . . . . . ? 1 APN None 'Non-standard residue' 
18 APN B 3  B . . . . APN B 203 ? 1_555 . . . . . . . ? 1 APN None 'Non-standard residue' 
19 GPN B 4  ? . . . . GPN B 204 ? 1_555 . . . . . . . ? 1 GPN None 'Non-standard residue' 
20 GPN B 4  A . . . . GPN B 204 ? 1_555 . . . . . . . ? 1 GPN None 'Non-standard residue' 
21 GPN B 4  B . . . . GPN B 204 ? 1_555 . . . . . . . ? 1 GPN None 'Non-standard residue' 
22 APN B 5  ? . . . . APN B 205 ? 1_555 . . . . . . . ? 1 APN None 'Non-standard residue' 
23 TPN B 6  ? . . . . TPN B 206 ? 1_555 . . . . . . . ? 1 TPN None 'Non-standard residue' 
24 CPN B 7  ? . . . . CPN B 207 ? 1_555 . . . . . . . ? 1 CPN None 'Non-standard residue' 
25 CPN B 7  A . . . . CPN B 207 ? 1_555 . . . . . . . ? 1 CPN None 'Non-standard residue' 
26 CPN B 7  B . . . . CPN B 207 ? 1_555 . . . . . . . ? 1 CPN None 'Non-standard residue' 
27 APN B 8  A . . . . APN B 208 ? 1_555 . . . . . . . ? 1 APN None 'Non-standard residue' 
28 APN B 8  B . . . . APN B 208 ? 1_555 . . . . . . . ? 1 APN None 'Non-standard residue' 
29 CPN B 9  ? . . . . CPN B 209 ? 1_555 . . . . . . . ? 1 CPN None 'Non-standard residue' 
30 CPN B 9  A . . . . CPN B 209 ? 1_555 . . . . . . . ? 1 CPN None 'Non-standard residue' 
31 CPN B 9  B . . . . CPN B 209 ? 1_555 . . . . . . . ? 1 CPN None 'Non-standard residue' 
32 TPN B 10 ? . . . . TPN B 210 ? 1_555 . . . . . . . ? 1 TPN None 'Non-standard residue' 
# 
_pdbx_entry_details.entry_id                   1XJ9 
_pdbx_entry_details.compound_details           ? 
_pdbx_entry_details.source_details             ? 
_pdbx_entry_details.nonpolymer_details         ? 
_pdbx_entry_details.sequence_details           ? 
_pdbx_entry_details.has_ligand_of_interest     ? 
_pdbx_entry_details.has_protein_modification   Y 
# 
loop_
_pdbx_struct_mod_residue.id 
_pdbx_struct_mod_residue.label_asym_id 
_pdbx_struct_mod_residue.label_comp_id 
_pdbx_struct_mod_residue.label_seq_id 
_pdbx_struct_mod_residue.auth_asym_id 
_pdbx_struct_mod_residue.auth_comp_id 
_pdbx_struct_mod_residue.auth_seq_id 
_pdbx_struct_mod_residue.PDB_ins_code 
_pdbx_struct_mod_residue.parent_comp_id 
_pdbx_struct_mod_residue.details 
1  A APN 3  A APN 103 ? DA ? 
2  A GPN 4  A GPN 104 ? DG ? 
3  A APN 5  A APN 105 ? DA ? 
4  A TPN 6  A TPN 106 ? DT ? 
5  A CPN 7  A CPN 107 ? DC ? 
6  A APN 8  A APN 108 ? DA ? 
7  A CPN 9  A CPN 109 ? DC ? 
8  A TPN 10 A TPN 110 ? DT ? 
9  B APN 3  B APN 203 ? DA ? 
10 B GPN 4  B GPN 204 ? DG ? 
11 B APN 5  B APN 205 ? DA ? 
12 B TPN 6  B TPN 206 ? DT ? 
13 B CPN 7  B CPN 207 ? DC ? 
14 B APN 8  B APN 208 ? DA ? 
15 B CPN 9  B CPN 209 ? DC ? 
16 B TPN 10 B TPN 210 ? DT ? 
# 
loop_
_pdbx_unobs_or_zero_occ_residues.id 
_pdbx_unobs_or_zero_occ_residues.PDB_model_num 
_pdbx_unobs_or_zero_occ_residues.polymer_flag 
_pdbx_unobs_or_zero_occ_residues.occupancy_flag 
_pdbx_unobs_or_zero_occ_residues.auth_asym_id 
_pdbx_unobs_or_zero_occ_residues.auth_comp_id 
_pdbx_unobs_or_zero_occ_residues.auth_seq_id 
_pdbx_unobs_or_zero_occ_residues.PDB_ins_code 
_pdbx_unobs_or_zero_occ_residues.label_asym_id 
_pdbx_unobs_or_zero_occ_residues.label_comp_id 
_pdbx_unobs_or_zero_occ_residues.label_seq_id 
1 1 Y 1 A GPN 101 ? A GPN 1 
2 1 Y 1 A TPN 102 ? A TPN 2 
3 1 Y 1 B GPN 201 ? B GPN 1 
4 1 Y 1 B TPN 202 ? B TPN 2 
# 
loop_
_chem_comp_atom.comp_id 
_chem_comp_atom.atom_id 
_chem_comp_atom.type_symbol 
_chem_comp_atom.pdbx_aromatic_flag 
_chem_comp_atom.pdbx_stereo_config 
_chem_comp_atom.pdbx_ordinal 
APN "C8'"  C N N 1   
APN "C7'"  C N N 2   
APN "O7'"  O N N 3   
APN "C5'"  C N N 4   
APN C      C N N 5   
APN O      O N N 6   
APN OXT    O N N 7   
APN "N4'"  N N N 8   
APN "C3'"  C N N 9   
APN "C2'"  C N N 10  
APN N      N N N 11  
APN N9     N Y N 12  
APN C8     C Y N 13  
APN N7     N Y N 14  
APN C5     C Y N 15  
APN C6     C Y N 16  
APN N6     N N N 17  
APN N1     N Y N 18  
APN C2     C Y N 19  
APN N3     N Y N 20  
APN C4     C Y N 21  
APN "H8'1" H N N 22  
APN "H8'2" H N N 23  
APN "H5'1" H N N 24  
APN "H5'2" H N N 25  
APN HXT    H N N 26  
APN "H3'1" H N N 27  
APN "H3'2" H N N 28  
APN "H2'1" H N N 29  
APN "H2'2" H N N 30  
APN H      H N N 31  
APN H2     H N N 32  
APN H3     H N N 33  
APN H8     H N N 34  
APN HN61   H N N 35  
APN HN62   H N N 36  
APN H21    H N N 37  
CPN "C8'"  C N N 38  
CPN "C7'"  C N N 39  
CPN "O7'"  O N N 40  
CPN "C5'"  C N N 41  
CPN C      C N N 42  
CPN O      O N N 43  
CPN OXT    O N N 44  
CPN "N4'"  N N N 45  
CPN "C3'"  C N N 46  
CPN "C2'"  C N N 47  
CPN N      N N N 48  
CPN N1     N N N 49  
CPN C2     C N N 50  
CPN N3     N N N 51  
CPN C4     C N N 52  
CPN C5     C N N 53  
CPN C6     C N N 54  
CPN O2     O N N 55  
CPN N4     N N N 56  
CPN "H8'1" H N N 57  
CPN "H8'2" H N N 58  
CPN "H5'1" H N N 59  
CPN "H5'2" H N N 60  
CPN HXT    H N N 61  
CPN "H3'1" H N N 62  
CPN "H3'2" H N N 63  
CPN "H2'1" H N N 64  
CPN "H2'2" H N N 65  
CPN H      H N N 66  
CPN H2     H N N 67  
CPN H3     H N N 68  
CPN H5     H N N 69  
CPN H6     H N N 70  
CPN HN41   H N N 71  
CPN HN42   H N N 72  
GPN "C8'"  C N N 73  
GPN "C7'"  C N N 74  
GPN "O7'"  O N N 75  
GPN "C5'"  C N N 76  
GPN C      C N N 77  
GPN O      O N N 78  
GPN OXT    O N N 79  
GPN "N4'"  N N N 80  
GPN "C3'"  C N N 81  
GPN "C2'"  C N N 82  
GPN N      N N N 83  
GPN N9     N Y N 84  
GPN C8     C Y N 85  
GPN N7     N Y N 86  
GPN C5     C Y N 87  
GPN C6     C N N 88  
GPN O6     O N N 89  
GPN N1     N N N 90  
GPN C2     C N N 91  
GPN N2     N N N 92  
GPN N3     N N N 93  
GPN C4     C Y N 94  
GPN "H8'1" H N N 95  
GPN "H8'2" H N N 96  
GPN "H5'1" H N N 97  
GPN "H5'2" H N N 98  
GPN HXT    H N N 99  
GPN "H3'1" H N N 100 
GPN "H3'2" H N N 101 
GPN "H2'1" H N N 102 
GPN "H2'2" H N N 103 
GPN H      H N N 104 
GPN H2     H N N 105 
GPN H3     H N N 106 
GPN H8     H N N 107 
GPN HN1    H N N 108 
GPN HN21   H N N 109 
GPN HN22   H N N 110 
HOH O      O N N 111 
HOH H1     H N N 112 
HOH H2     H N N 113 
LYS N      N N N 114 
LYS CA     C N S 115 
LYS C      C N N 116 
LYS O      O N N 117 
LYS CB     C N N 118 
LYS CG     C N N 119 
LYS CD     C N N 120 
LYS CE     C N N 121 
LYS NZ     N N N 122 
LYS OXT    O N N 123 
LYS H      H N N 124 
LYS H2     H N N 125 
LYS HA     H N N 126 
LYS HB2    H N N 127 
LYS HB3    H N N 128 
LYS HG2    H N N 129 
LYS HG3    H N N 130 
LYS HD2    H N N 131 
LYS HD3    H N N 132 
LYS HE2    H N N 133 
LYS HE3    H N N 134 
LYS HZ1    H N N 135 
LYS HZ2    H N N 136 
LYS HZ3    H N N 137 
LYS HXT    H N N 138 
TPN "C8'"  C N N 139 
TPN "C7'"  C N N 140 
TPN "O7'"  O N N 141 
TPN "C5'"  C N N 142 
TPN C      C N N 143 
TPN O      O N N 144 
TPN OXT    O N N 145 
TPN "N4'"  N N N 146 
TPN "C3'"  C N N 147 
TPN "C2'"  C N N 148 
TPN N      N N N 149 
TPN N1     N N N 150 
TPN C6     C N N 151 
TPN C2     C N N 152 
TPN O2     O N N 153 
TPN N3     N N N 154 
TPN C4     C N N 155 
TPN O4     O N N 156 
TPN C5     C N N 157 
TPN C5M    C N N 158 
TPN "H8'1" H N N 159 
TPN "H8'2" H N N 160 
TPN "H5'1" H N N 161 
TPN "H5'2" H N N 162 
TPN HXT    H N N 163 
TPN "H3'1" H N N 164 
TPN "H3'2" H N N 165 
TPN "H2'1" H N N 166 
TPN "H2'2" H N N 167 
TPN H      H N N 168 
TPN H2     H N N 169 
TPN H3     H N N 170 
TPN H6     H N N 171 
TPN HN3    H N N 172 
TPN HM51   H N N 173 
TPN HM52   H N N 174 
TPN HM53   H N N 175 
# 
loop_
_chem_comp_bond.comp_id 
_chem_comp_bond.atom_id_1 
_chem_comp_bond.atom_id_2 
_chem_comp_bond.value_order 
_chem_comp_bond.pdbx_aromatic_flag 
_chem_comp_bond.pdbx_stereo_config 
_chem_comp_bond.pdbx_ordinal 
APN "C8'" "C7'"  sing N N 1   
APN "C8'" N9     sing N N 2   
APN "C8'" "H8'1" sing N N 3   
APN "C8'" "H8'2" sing N N 4   
APN "C7'" "O7'"  doub N N 5   
APN "C7'" "N4'"  sing N N 6   
APN "C5'" C      sing N N 7   
APN "C5'" "N4'"  sing N N 8   
APN "C5'" "H5'1" sing N N 9   
APN "C5'" "H5'2" sing N N 10  
APN C     O      doub N N 11  
APN C     OXT    sing N N 12  
APN OXT   HXT    sing N N 13  
APN "N4'" "C3'"  sing N N 14  
APN "C3'" "C2'"  sing N N 15  
APN "C3'" "H3'1" sing N N 16  
APN "C3'" "H3'2" sing N N 17  
APN "C2'" N      sing N N 18  
APN "C2'" "H2'1" sing N N 19  
APN "C2'" "H2'2" sing N N 20  
APN N     H      sing N N 21  
APN N     H2     sing N N 22  
APN N     H3     sing N N 23  
APN N9    C8     sing Y N 24  
APN N9    C4     sing Y N 25  
APN C8    N7     doub Y N 26  
APN C8    H8     sing N N 27  
APN N7    C5     sing Y N 28  
APN C5    C6     sing Y N 29  
APN C5    C4     doub Y N 30  
APN C6    N6     sing N N 31  
APN C6    N1     doub Y N 32  
APN N6    HN61   sing N N 33  
APN N6    HN62   sing N N 34  
APN N1    C2     sing Y N 35  
APN C2    N3     doub Y N 36  
APN C2    H21    sing N N 37  
APN N3    C4     sing Y N 38  
CPN "C8'" "C7'"  sing N N 39  
CPN "C8'" N1     sing N N 40  
CPN "C8'" "H8'1" sing N N 41  
CPN "C8'" "H8'2" sing N N 42  
CPN "C7'" "O7'"  doub N N 43  
CPN "C7'" "N4'"  sing N N 44  
CPN "C5'" C      sing N N 45  
CPN "C5'" "N4'"  sing N N 46  
CPN "C5'" "H5'1" sing N N 47  
CPN "C5'" "H5'2" sing N N 48  
CPN C     O      doub N N 49  
CPN C     OXT    sing N N 50  
CPN OXT   HXT    sing N N 51  
CPN "N4'" "C3'"  sing N N 52  
CPN "C3'" "C2'"  sing N N 53  
CPN "C3'" "H3'1" sing N N 54  
CPN "C3'" "H3'2" sing N N 55  
CPN "C2'" N      sing N N 56  
CPN "C2'" "H2'1" sing N N 57  
CPN "C2'" "H2'2" sing N N 58  
CPN N     H      sing N N 59  
CPN N     H2     sing N N 60  
CPN N     H3     sing N N 61  
CPN N1    C2     sing N N 62  
CPN N1    C6     sing N N 63  
CPN C2    N3     sing N N 64  
CPN C2    O2     doub N N 65  
CPN N3    C4     doub N N 66  
CPN C4    C5     sing N N 67  
CPN C4    N4     sing N N 68  
CPN C5    C6     doub N N 69  
CPN C5    H5     sing N N 70  
CPN C6    H6     sing N N 71  
CPN N4    HN41   sing N N 72  
CPN N4    HN42   sing N N 73  
GPN "C8'" "C7'"  sing N N 74  
GPN "C8'" N9     sing N N 75  
GPN "C8'" "H8'1" sing N N 76  
GPN "C8'" "H8'2" sing N N 77  
GPN "C7'" "O7'"  doub N N 78  
GPN "C7'" "N4'"  sing N N 79  
GPN "C5'" C      sing N N 80  
GPN "C5'" "N4'"  sing N N 81  
GPN "C5'" "H5'1" sing N N 82  
GPN "C5'" "H5'2" sing N N 83  
GPN C     O      doub N N 84  
GPN C     OXT    sing N N 85  
GPN OXT   HXT    sing N N 86  
GPN "N4'" "C3'"  sing N N 87  
GPN "C3'" "C2'"  sing N N 88  
GPN "C3'" "H3'1" sing N N 89  
GPN "C3'" "H3'2" sing N N 90  
GPN "C2'" N      sing N N 91  
GPN "C2'" "H2'1" sing N N 92  
GPN "C2'" "H2'2" sing N N 93  
GPN N     H      sing N N 94  
GPN N     H2     sing N N 95  
GPN N     H3     sing N N 96  
GPN N9    C8     sing Y N 97  
GPN N9    C4     sing Y N 98  
GPN C8    N7     doub Y N 99  
GPN C8    H8     sing N N 100 
GPN N7    C5     sing Y N 101 
GPN C5    C6     sing N N 102 
GPN C5    C4     doub Y N 103 
GPN C6    O6     doub N N 104 
GPN C6    N1     sing N N 105 
GPN N1    C2     sing N N 106 
GPN N1    HN1    sing N N 107 
GPN C2    N2     sing N N 108 
GPN C2    N3     doub N N 109 
GPN N2    HN21   sing N N 110 
GPN N2    HN22   sing N N 111 
GPN N3    C4     sing N N 112 
HOH O     H1     sing N N 113 
HOH O     H2     sing N N 114 
LYS N     CA     sing N N 115 
LYS N     H      sing N N 116 
LYS N     H2     sing N N 117 
LYS CA    C      sing N N 118 
LYS CA    CB     sing N N 119 
LYS CA    HA     sing N N 120 
LYS C     O      doub N N 121 
LYS C     OXT    sing N N 122 
LYS CB    CG     sing N N 123 
LYS CB    HB2    sing N N 124 
LYS CB    HB3    sing N N 125 
LYS CG    CD     sing N N 126 
LYS CG    HG2    sing N N 127 
LYS CG    HG3    sing N N 128 
LYS CD    CE     sing N N 129 
LYS CD    HD2    sing N N 130 
LYS CD    HD3    sing N N 131 
LYS CE    NZ     sing N N 132 
LYS CE    HE2    sing N N 133 
LYS CE    HE3    sing N N 134 
LYS NZ    HZ1    sing N N 135 
LYS NZ    HZ2    sing N N 136 
LYS NZ    HZ3    sing N N 137 
LYS OXT   HXT    sing N N 138 
TPN "C8'" "C7'"  sing N N 139 
TPN "C8'" N1     sing N N 140 
TPN "C8'" "H8'1" sing N N 141 
TPN "C8'" "H8'2" sing N N 142 
TPN "C7'" "O7'"  doub N N 143 
TPN "C7'" "N4'"  sing N N 144 
TPN "C5'" C      sing N N 145 
TPN "C5'" "N4'"  sing N N 146 
TPN "C5'" "H5'1" sing N N 147 
TPN "C5'" "H5'2" sing N N 148 
TPN C     O      doub N N 149 
TPN C     OXT    sing N N 150 
TPN OXT   HXT    sing N N 151 
TPN "N4'" "C3'"  sing N N 152 
TPN "C3'" "C2'"  sing N N 153 
TPN "C3'" "H3'1" sing N N 154 
TPN "C3'" "H3'2" sing N N 155 
TPN "C2'" N      sing N N 156 
TPN "C2'" "H2'1" sing N N 157 
TPN "C2'" "H2'2" sing N N 158 
TPN N     H      sing N N 159 
TPN N     H2     sing N N 160 
TPN N     H3     sing N N 161 
TPN N1    C6     sing N N 162 
TPN N1    C2     sing N N 163 
TPN C6    C5     doub N N 164 
TPN C6    H6     sing N N 165 
TPN C2    O2     doub N N 166 
TPN C2    N3     sing N N 167 
TPN N3    C4     sing N N 168 
TPN N3    HN3    sing N N 169 
TPN C4    O4     doub N N 170 
TPN C4    C5     sing N N 171 
TPN C5    C5M    sing N N 172 
TPN C5M   HM51   sing N N 173 
TPN C5M   HM52   sing N N 174 
TPN C5M   HM53   sing N N 175 
# 
_atom_sites.entry_id                    1XJ9 
_atom_sites.fract_transf_matrix[1][1]   0.00409211 
_atom_sites.fract_transf_matrix[1][2]   -0.00151654 
_atom_sites.fract_transf_matrix[1][3]   -0.01983989 
_atom_sites.fract_transf_matrix[2][1]   0.01453312 
_atom_sites.fract_transf_matrix[2][2]   0.01886677 
_atom_sites.fract_transf_matrix[2][3]   0.00155539 
_atom_sites.fract_transf_matrix[3][1]   0.02900215 
_atom_sites.fract_transf_matrix[3][2]   -0.02149670 
_atom_sites.fract_transf_matrix[3][3]   -0.01023439 
_atom_sites.fract_transf_vector[1]      0.755510 
_atom_sites.fract_transf_vector[2]      0.047666 
_atom_sites.fract_transf_vector[3]      0.248774 
# 
loop_
_atom_type.symbol 
C 
N 
O 
# 
loop_
_atom_site.group_PDB 
_atom_site.id 
_atom_site.type_symbol 
_atom_site.label_atom_id 
_atom_site.label_alt_id 
_atom_site.label_comp_id 
_atom_site.label_asym_id 
_atom_site.label_entity_id 
_atom_site.label_seq_id 
_atom_site.pdbx_PDB_ins_code 
_atom_site.Cartn_x 
_atom_site.Cartn_y 
_atom_site.Cartn_z 
_atom_site.occupancy 
_atom_site.B_iso_or_equiv 
_atom_site.pdbx_formal_charge 
_atom_site.auth_seq_id 
_atom_site.auth_comp_id 
_atom_site.auth_asym_id 
_atom_site.auth_atom_id 
_atom_site.pdbx_PDB_model_num 
HETATM 1   C "C8'" A APN A 1 3  ? 1.510   4.785   2.246   0.50 39.38 ? 103 APN A "C8'" 1 
HETATM 2   C "C8'" B APN A 1 3  ? -4.225  2.225   0.267   0.50 40.32 ? 103 APN A "C8'" 1 
HETATM 3   C "C7'" A APN A 1 3  ? 0.996   5.698   1.133   0.50 41.66 ? 103 APN A "C7'" 1 
HETATM 4   C "C7'" B APN A 1 3  ? -4.545  3.668   -0.144  0.50 42.29 ? 103 APN A "C7'" 1 
HETATM 5   O "O7'" A APN A 1 3  ? 0.834   5.268   -0.011  0.50 39.41 ? 103 APN A "O7'" 1 
HETATM 6   O "O7'" B APN A 1 3  ? -3.650  4.506   -0.257  0.50 42.12 ? 103 APN A "O7'" 1 
HETATM 7   C "C5'" A APN A 1 3  ? -0.565  7.546   0.926   0.50 41.27 ? 103 APN A "C5'" 1 
HETATM 8   C "C5'" B APN A 1 3  ? -6.078  5.465   -0.705  0.50 43.51 ? 103 APN A "C5'" 1 
HETATM 9   C C     A APN A 1 3  ? -0.574  7.634   -0.606  0.50 39.59 ? 103 APN A C     1 
HETATM 10  C C     B APN A 1 3  ? -5.475  5.815   -2.074  0.50 43.14 ? 103 APN A C     1 
HETATM 11  O O     A APN A 1 3  ? 0.450   7.409   -1.252  0.50 37.69 ? 103 APN A O     1 
HETATM 12  O O     B APN A 1 3  ? -5.449  4.992   -2.984  0.50 42.42 ? 103 APN A O     1 
HETATM 13  N "N4'" A APN A 1 3  ? 0.725   6.995   1.388   0.50 42.85 ? 103 APN A "N4'" 1 
HETATM 14  N "N4'" B APN A 1 3  ? -5.818  4.051   -0.373  0.50 42.94 ? 103 APN A "N4'" 1 
HETATM 15  C "C3'" A APN A 1 3  ? 1.602   7.942   2.099   0.50 43.78 ? 103 APN A "C3'" 1 
HETATM 16  C "C3'" B APN A 1 3  ? -7.007  3.193   -0.305  0.50 41.98 ? 103 APN A "C3'" 1 
HETATM 17  C "C2'" A APN A 1 3  ? 3.094   7.740   1.732   0.50 44.85 ? 103 APN A "C2'" 1 
HETATM 18  C "C2'" B APN A 1 3  ? -7.551  3.105   1.136   0.50 41.44 ? 103 APN A "C2'" 1 
HETATM 19  N N     A APN A 1 3  ? 3.802   8.989   1.500   0.50 45.83 ? 103 APN A N     1 
HETATM 20  N N     B APN A 1 3  ? -8.999  3.178   1.200   0.50 42.24 ? 103 APN A N     1 
HETATM 21  N N9    A APN A 1 3  ? 0.828   3.517   2.213   0.50 39.37 ? 103 APN A N9    1 
HETATM 22  N N9    B APN A 1 3  ? -2.955  1.794   -0.273  0.50 38.25 ? 103 APN A N9    1 
HETATM 23  C C8    A APN A 1 3  ? -0.496  3.219   2.445   0.50 38.61 ? 103 APN A C8    1 
HETATM 24  C C8    B APN A 1 3  ? -1.793  2.495   -0.487  0.50 37.86 ? 103 APN A C8    1 
HETATM 25  N N7    A APN A 1 3  ? -0.773  1.939   2.370   0.50 37.36 ? 103 APN A N7    1 
HETATM 26  N N7    B APN A 1 3  ? -0.817  1.765   -0.971  0.50 38.71 ? 103 APN A N7    1 
HETATM 27  C C5    A APN A 1 3  ? 0.452   1.351   2.061   0.50 38.75 ? 103 APN A C5    1 
HETATM 28  C C5    B APN A 1 3  ? -1.372  0.499   -1.083  0.50 38.92 ? 103 APN A C5    1 
HETATM 29  C C6    A APN A 1 3  ? 0.836   0.014   1.851   0.50 38.48 ? 103 APN A C6    1 
HETATM 30  C C6    B APN A 1 3  ? -0.850  -0.733  -1.523  0.50 39.33 ? 103 APN A C6    1 
HETATM 31  N N6    A APN A 1 3  ? 0.000   -1.025  1.918   0.50 38.26 ? 103 APN A N6    1 
HETATM 32  N N6    B APN A 1 3  ? 0.408   -0.901  -1.940  0.50 40.04 ? 103 APN A N6    1 
HETATM 33  N N1    A APN A 1 3  ? 2.134   -0.224  1.565   0.50 39.08 ? 103 APN A N1    1 
HETATM 34  N N1    B APN A 1 3  ? -1.674  -1.802  -1.512  0.50 39.52 ? 103 APN A N1    1 
HETATM 35  C C2    A APN A 1 3  ? 2.978   0.812   1.498   0.50 39.73 ? 103 APN A C2    1 
HETATM 36  C C2    B APN A 1 3  ? -2.927  -1.641  -1.078  0.50 39.56 ? 103 APN A C2    1 
HETATM 37  N N3    A APN A 1 3  ? 2.739   2.109   1.675   0.50 39.45 ? 103 APN A N3    1 
HETATM 38  N N3    B APN A 1 3  ? -3.531  -0.544  -0.634  0.50 39.60 ? 103 APN A N3    1 
HETATM 39  C C4    A APN A 1 3  ? 1.437   2.315   1.958   0.50 39.46 ? 103 APN A C4    1 
HETATM 40  C C4    B APN A 1 3  ? -2.689  0.503   -0.663  0.50 39.10 ? 103 APN A C4    1 
HETATM 41  C "C8'" . GPN A 1 4  ? -1.767  4.826   -3.570  1.00 42.36 ? 104 GPN A "C8'" 1 
HETATM 42  C "C7'" . GPN A 1 4  ? -1.797  5.792   -4.750  1.00 45.05 ? 104 GPN A "C7'" 1 
HETATM 43  O "O7'" . GPN A 1 4  ? -1.402  5.436   -5.859  1.00 47.37 ? 104 GPN A "O7'" 1 
HETATM 44  C "C5'" . GPN A 1 4  ? -2.229  7.907   -5.812  1.00 42.54 ? 104 GPN A "C5'" 1 
HETATM 45  C C     . GPN A 1 4  ? -0.899  8.642   -5.885  1.00 43.22 ? 104 GPN A C     1 
HETATM 46  O O     . GPN A 1 4  ? -0.146  8.686   -4.917  1.00 44.99 ? 104 GPN A O     1 
HETATM 47  N "N4'" . GPN A 1 4  ? -2.265  7.039   -4.617  1.00 43.75 ? 104 GPN A "N4'" 1 
HETATM 48  C "C3'" . GPN A 1 4  ? -2.860  7.622   -3.403  1.00 41.24 ? 104 GPN A "C3'" 1 
HETATM 49  C "C2'" A GPN A 1 4  ? -1.825  8.406   -2.568  0.50 39.37 ? 104 GPN A "C2'" 1 
HETATM 50  C "C2'" B GPN A 1 4  ? -4.401  7.533   -3.453  0.50 42.08 ? 104 GPN A "C2'" 1 
HETATM 51  N N     A GPN A 1 4  ? -1.732  7.953   -1.191  0.50 38.32 ? 104 GPN A N     1 
HETATM 52  N N     B GPN A 1 4  ? -4.983  7.044   -2.216  0.50 43.07 ? 104 GPN A N     1 
HETATM 53  N N9    . GPN A 1 4  ? -1.083  3.629   -3.968  1.00 43.32 ? 104 GPN A N9    1 
HETATM 54  C C8    . GPN A 1 4  ? -1.588  2.366   -4.169  1.00 42.15 ? 104 GPN A C8    1 
HETATM 55  N N7    . GPN A 1 4  ? -0.680  1.502   -4.525  1.00 42.03 ? 104 GPN A N7    1 
HETATM 56  C C5    . GPN A 1 4  ? 0.501   2.232   -4.568  1.00 41.86 ? 104 GPN A C5    1 
HETATM 57  C C6    . GPN A 1 4  ? 1.817   1.833   -4.898  1.00 41.62 ? 104 GPN A C6    1 
HETATM 58  O O6    . GPN A 1 4  ? 2.224   0.709   -5.226  1.00 42.35 ? 104 GPN A O6    1 
HETATM 59  N N1    . GPN A 1 4  ? 2.708   2.894   -4.822  1.00 43.66 ? 104 GPN A N1    1 
HETATM 60  C C2    . GPN A 1 4  ? 2.381   4.180   -4.467  1.00 43.04 ? 104 GPN A C2    1 
HETATM 61  N N2    . GPN A 1 4  ? 3.394   5.068   -4.460  1.00 40.84 ? 104 GPN A N2    1 
HETATM 62  N N3    . GPN A 1 4  ? 1.156   4.568   -4.151  1.00 42.43 ? 104 GPN A N3    1 
HETATM 63  C C4    . GPN A 1 4  ? 0.270   3.547   -4.224  1.00 43.31 ? 104 GPN A C4    1 
HETATM 64  C "C8'" . APN A 1 5  ? 1.732   6.120   -7.467  1.00 33.41 ? 105 APN A "C8'" 1 
HETATM 65  C "C7'" . APN A 1 5  ? 1.511   6.883   -8.772  1.00 34.13 ? 105 APN A "C7'" 1 
HETATM 66  O "O7'" . APN A 1 5  ? 1.295   6.270   -9.819  1.00 28.73 ? 105 APN A "O7'" 1 
HETATM 67  C "C5'" . APN A 1 5  ? 1.321   8.954   -10.083 1.00 32.05 ? 105 APN A "C5'" 1 
HETATM 68  C C     . APN A 1 5  ? 2.661   9.459   -10.702 1.00 32.40 ? 105 APN A C     1 
HETATM 69  O O     . APN A 1 5  ? 2.681   10.073  -11.767 1.00 33.04 ? 105 APN A O     1 
HETATM 70  N "N4'" . APN A 1 5  ? 1.554   8.239   -8.792  1.00 34.96 ? 105 APN A "N4'" 1 
HETATM 71  C "C3'" . APN A 1 5  ? 1.832   9.091   -7.615  1.00 36.12 ? 105 APN A "C3'" 1 
HETATM 72  C "C2'" . APN A 1 5  ? 0.626   9.978   -7.225  1.00 38.67 ? 105 APN A "C2'" 1 
HETATM 73  N N     . APN A 1 5  ? -0.595  9.229   -7.033  1.00 42.81 ? 105 APN A N     1 
HETATM 74  N N9    . APN A 1 5  ? 1.783   4.719   -7.769  1.00 37.45 ? 105 APN A N9    1 
HETATM 75  C C8    . APN A 1 5  ? 0.776   3.786   -7.792  1.00 37.97 ? 105 APN A C8    1 
HETATM 76  N N7    . APN A 1 5  ? 1.178   2.585   -8.132  1.00 36.77 ? 105 APN A N7    1 
HETATM 77  C C5    . APN A 1 5  ? 2.541   2.740   -8.348  1.00 37.85 ? 105 APN A C5    1 
HETATM 78  C C6    . APN A 1 5  ? 3.543   1.843   -8.741  1.00 39.75 ? 105 APN A C6    1 
HETATM 79  N N6    . APN A 1 5  ? 3.321   0.552   -9.001  1.00 37.14 ? 105 APN A N6    1 
HETATM 80  N N1    . APN A 1 5  ? 4.802   2.324   -8.865  1.00 40.06 ? 105 APN A N1    1 
HETATM 81  C C2    . APN A 1 5  ? 5.021   3.613   -8.613  1.00 37.40 ? 105 APN A C2    1 
HETATM 82  N N3    . APN A 1 5  ? 4.163   4.554   -8.240  1.00 40.49 ? 105 APN A N3    1 
HETATM 83  C C4    . APN A 1 5  ? 2.924   4.046   -8.125  1.00 38.40 ? 105 APN A C4    1 
HETATM 84  C "C8'" . TPN A 1 6  ? 4.719   5.940   -11.310 1.00 33.42 ? 106 TPN A "C8'" 1 
HETATM 85  C "C7'" . TPN A 1 6  ? 4.606   6.863   -12.510 1.00 34.76 ? 106 TPN A "C7'" 1 
HETATM 86  O "O7'" . TPN A 1 6  ? 4.036   6.486   -13.548 1.00 32.58 ? 106 TPN A "O7'" 1 
HETATM 87  C "C5'" . TPN A 1 6  ? 4.853   9.014   -13.584 1.00 32.65 ? 106 TPN A "C5'" 1 
HETATM 88  C C     . TPN A 1 6  ? 6.022   9.026   -14.573 1.00 32.16 ? 106 TPN A C     1 
HETATM 89  O O     . TPN A 1 6  ? 5.852   9.390   -15.749 1.00 32.51 ? 106 TPN A O     1 
HETATM 90  N "N4'" . TPN A 1 6  ? 5.118   8.096   -12.452 1.00 33.31 ? 106 TPN A "N4'" 1 
HETATM 91  C "C3'" . TPN A 1 6  ? 5.903   8.635   -11.328 1.00 32.04 ? 106 TPN A "C3'" 1 
HETATM 92  C "C2'" . TPN A 1 6  ? 5.096   9.664   -10.488 1.00 34.48 ? 106 TPN A "C2'" 1 
HETATM 93  N N     . TPN A 1 6  ? 3.785   9.197   -10.043 1.00 31.60 ? 106 TPN A N     1 
HETATM 94  N N1    . TPN A 1 6  ? 4.467   4.582   -11.687 1.00 34.54 ? 106 TPN A N1    1 
HETATM 95  C C6    . TPN A 1 6  ? 3.181   4.097   -11.632 1.00 35.87 ? 106 TPN A C6    1 
HETATM 96  C C2    . TPN A 1 6  ? 5.506   3.793   -12.116 1.00 35.54 ? 106 TPN A C2    1 
HETATM 97  O O2    . TPN A 1 6  ? 6.655   4.198   -12.188 1.00 35.14 ? 106 TPN A O2    1 
HETATM 98  N N3    . TPN A 1 6  ? 5.149   2.512   -12.463 1.00 35.81 ? 106 TPN A N3    1 
HETATM 99  C C4    . TPN A 1 6  ? 3.884   1.958   -12.421 1.00 35.72 ? 106 TPN A C4    1 
HETATM 100 O O4    . TPN A 1 6  ? 3.718   0.786   -12.739 1.00 35.50 ? 106 TPN A O4    1 
HETATM 101 C C5    . TPN A 1 6  ? 2.839   2.853   -11.975 1.00 35.13 ? 106 TPN A C5    1 
HETATM 102 C C5M   . TPN A 1 6  ? 1.431   2.358   -11.917 1.00 32.49 ? 106 TPN A C5M   1 
HETATM 103 C "C8'" . CPN A 1 7  ? 7.236   5.119   -15.585 1.00 36.17 ? 107 CPN A "C8'" 1 
HETATM 104 C "C7'" . CPN A 1 7  ? 7.161   6.153   -16.706 1.00 36.28 ? 107 CPN A "C7'" 1 
HETATM 105 O "O7'" . CPN A 1 7  ? 6.439   5.972   -17.680 1.00 33.68 ? 107 CPN A "O7'" 1 
HETATM 106 C "C5'" A CPN A 1 7  ? 7.610   8.355   -17.638 0.50 35.64 ? 107 CPN A "C5'" 1 
HETATM 107 C "C5'" B CPN A 1 7  ? 7.938   8.140   -17.823 0.50 37.85 ? 107 CPN A "C5'" 1 
HETATM 108 C C     A CPN A 1 7  ? 8.336   8.129   -18.960 0.50 36.66 ? 107 CPN A C     1 
HETATM 109 C C     B CPN A 1 7  ? 9.160   7.698   -18.605 0.50 40.60 ? 107 CPN A C     1 
HETATM 110 O O     A CPN A 1 7  ? 7.994   8.705   -19.986 0.50 35.17 ? 107 CPN A O     1 
HETATM 111 O O     B CPN A 1 7  ? 10.003  6.992   -18.039 0.50 42.62 ? 107 CPN A O     1 
HETATM 112 N "N4'" . CPN A 1 7  ? 7.904   7.268   -16.650 1.00 35.17 ? 107 CPN A "N4'" 1 
HETATM 113 C "C3'" . CPN A 1 7  ? 8.891   7.599   -15.607 1.00 31.61 ? 107 CPN A "C3'" 1 
HETATM 114 C "C2'" . CPN A 1 7  ? 8.475   8.821   -14.772 1.00 32.30 ? 107 CPN A "C2'" 1 
HETATM 115 N N     . CPN A 1 7  ? 7.205   8.635   -14.089 1.00 31.68 ? 107 CPN A N     1 
HETATM 116 N N1    . CPN A 1 7  ? 6.576   3.865   -15.898 1.00 40.94 ? 107 CPN A N1    1 
HETATM 117 C C2    . CPN A 1 7  ? 7.314   2.772   -16.393 1.00 40.86 ? 107 CPN A C2    1 
HETATM 118 N N3    . CPN A 1 7  ? 6.691   1.592   -16.600 1.00 42.38 ? 107 CPN A N3    1 
HETATM 119 C C4    . CPN A 1 7  ? 5.384   1.474   -16.348 1.00 42.87 ? 107 CPN A C4    1 
HETATM 120 C C5    . CPN A 1 7  ? 4.606   2.571   -15.868 1.00 42.99 ? 107 CPN A C5    1 
HETATM 121 C C6    . CPN A 1 7  ? 5.237   3.735   -15.660 1.00 41.92 ? 107 CPN A C6    1 
HETATM 122 O O2    . CPN A 1 7  ? 8.520   2.918   -16.632 1.00 41.59 ? 107 CPN A O2    1 
HETATM 123 N N4    . CPN A 1 7  ? 4.813   0.287   -16.555 1.00 40.26 ? 107 CPN A N4    1 
HETATM 124 C "C8'" . APN A 1 8  ? 7.976   3.982   -20.060 1.00 43.12 ? 108 APN A "C8'" 1 
HETATM 125 C "C7'" . APN A 1 8  ? 8.232   4.851   -21.330 1.00 44.54 ? 108 APN A "C7'" 1 
HETATM 126 O "O7'" . APN A 1 8  ? 7.328   5.071   -22.115 1.00 43.03 ? 108 APN A "O7'" 1 
HETATM 127 C "C5'" A APN A 1 8  ? 10.106  5.291   -22.877 0.50 45.09 ? 108 APN A "C5'" 1 
HETATM 128 C "C5'" B APN A 1 8  ? 10.094  5.713   -22.887 0.50 46.84 ? 108 APN A "C5'" 1 
HETATM 129 C C     A APN A 1 8  ? 9.201   5.815   -24.001 0.50 46.47 ? 108 APN A C     1 
HETATM 130 C C     B APN A 1 8  ? 9.384   5.305   -24.174 0.50 49.10 ? 108 APN A C     1 
HETATM 131 O O     A APN A 1 8  ? 8.193   6.459   -23.755 0.50 42.83 ? 108 APN A O     1 
HETATM 132 O O     B APN A 1 8  ? 9.736   4.310   -24.797 0.50 47.74 ? 108 APN A O     1 
HETATM 133 N "N4'" . APN A 1 8  ? 9.488   5.377   -21.541 1.00 45.77 ? 108 APN A "N4'" 1 
HETATM 134 C "C3'" A APN A 1 8  ? 10.407  5.762   -20.504 0.50 42.93 ? 108 APN A "C3'" 1 
HETATM 135 C "C3'" B APN A 1 8  ? 10.370  5.906   -20.501 0.50 43.79 ? 108 APN A "C3'" 1 
HETATM 136 C "C2'" A APN A 1 8  ? 10.210  7.200   -20.127 0.50 41.95 ? 108 APN A "C2'" 1 
HETATM 137 C "C2'" B APN A 1 8  ? 10.434  7.468   -20.571 0.50 43.19 ? 108 APN A "C2'" 1 
HETATM 138 N N     A APN A 1 8  ? 9.408   7.353   -18.944 0.50 38.89 ? 108 APN A N     1 
HETATM 139 N N     B APN A 1 8  ? 9.310   8.038   -19.880 0.50 41.36 ? 108 APN A N     1 
HETATM 140 N N9    . APN A 1 8  ? 6.798   3.116   -20.166 1.00 45.12 ? 108 APN A N9    1 
HETATM 141 C C8    . APN A 1 8  ? 5.463   3.419   -20.002 1.00 46.07 ? 108 APN A C8    1 
HETATM 142 N N7    . APN A 1 8  ? 4.667   2.377   -20.093 1.00 44.94 ? 108 APN A N7    1 
HETATM 143 C C5    . APN A 1 8  ? 5.532   1.318   -20.348 1.00 44.92 ? 108 APN A C5    1 
HETATM 144 C C6    . APN A 1 8  ? 5.313   -0.063  -20.549 1.00 45.13 ? 108 APN A C6    1 
HETATM 145 N N6    . APN A 1 8  ? 4.109   -0.648  -20.510 1.00 45.85 ? 108 APN A N6    1 
HETATM 146 N N1    . APN A 1 8  ? 6.394   -0.837  -20.788 1.00 46.26 ? 108 APN A N1    1 
HETATM 147 C C2    . APN A 1 8  ? 7.605   -0.264  -20.809 1.00 44.88 ? 108 APN A C2    1 
HETATM 148 N N3    . APN A 1 8  ? 7.939   1.014   -20.628 1.00 45.17 ? 108 APN A N3    1 
HETATM 149 C C4    . APN A 1 8  ? 6.846   1.763   -20.401 1.00 44.52 ? 108 APN A C4    1 
HETATM 150 C "C8'" . CPN A 1 9  ? 8.578   2.299   -26.966 1.00 50.22 ? 109 CPN A "C8'" 1 
HETATM 151 C "C7'" . CPN A 1 9  ? 8.547   3.317   -28.106 1.00 51.78 ? 109 CPN A "C7'" 1 
HETATM 152 O "O7'" . CPN A 1 9  ? 9.126   3.092   -29.163 1.00 52.51 ? 109 CPN A "O7'" 1 
HETATM 153 C "C5'" . CPN A 1 9  ? 7.377   5.144   -29.192 1.00 50.87 ? 109 CPN A "C5'" 1 
HETATM 154 C C     . CPN A 1 9  ? 5.828   5.148   -29.213 1.00 50.53 ? 109 CPN A C     1 
HETATM 155 O O     . CPN A 1 9  ? 5.167   4.681   -28.282 1.00 52.31 ? 109 CPN A O     1 
HETATM 156 N "N4'" . CPN A 1 9  ? 7.870   4.471   -27.974 1.00 52.43 ? 109 CPN A "N4'" 1 
HETATM 157 C "C3'" A CPN A 1 9  ? 7.632   5.184   -26.736 0.50 51.25 ? 109 CPN A "C3'" 1 
HETATM 158 C "C3'" B CPN A 1 9  ? 7.447   5.088   -26.688 0.50 51.98 ? 109 CPN A "C3'" 1 
HETATM 159 C "C2'" A CPN A 1 9  ? 8.860   6.027   -26.405 0.50 49.19 ? 109 CPN A "C2'" 1 
HETATM 160 C "C2'" B CPN A 1 9  ? 8.357   6.219   -26.122 0.50 50.86 ? 109 CPN A "C2'" 1 
HETATM 161 N N     A CPN A 1 9  ? 9.559   5.529   -25.253 0.50 46.94 ? 109 CPN A N     1 
HETATM 162 N N     B CPN A 1 9  ? 8.481   6.115   -24.672 0.50 49.58 ? 109 CPN A N     1 
HETATM 163 N N1    . CPN A 1 9  ? 8.770   0.937   -27.418 1.00 49.31 ? 109 CPN A N1    1 
HETATM 164 C C2    . CPN A 1 9  ? 7.663   0.126   -27.694 1.00 49.67 ? 109 CPN A C2    1 
HETATM 165 N N3    . CPN A 1 9  ? 7.862   -1.150  -28.104 1.00 47.66 ? 109 CPN A N3    1 
HETATM 166 C C4    . CPN A 1 9  ? 9.103   -1.620  -28.243 1.00 46.99 ? 109 CPN A C4    1 
HETATM 167 C C5    . CPN A 1 9  ? 10.248  -0.816  -27.973 1.00 47.29 ? 109 CPN A C5    1 
HETATM 168 C C6    . CPN A 1 9  ? 10.038  0.444   -27.567 1.00 48.72 ? 109 CPN A C6    1 
HETATM 169 O O2    . CPN A 1 9  ? 6.521   0.601   -27.561 1.00 49.53 ? 109 CPN A O2    1 
HETATM 170 N N4    . CPN A 1 9  ? 9.248   -2.880  -28.651 1.00 45.80 ? 109 CPN A N4    1 
HETATM 171 C "C8'" . TPN A 1 10 ? 5.707   1.756   -30.764 1.00 48.96 ? 110 TPN A "C8'" 1 
HETATM 172 C "C7'" . TPN A 1 10 ? 5.205   2.513   -31.988 1.00 52.99 ? 110 TPN A "C7'" 1 
HETATM 173 O "O7'" . TPN A 1 10 ? 5.772   2.374   -33.065 1.00 53.59 ? 110 TPN A "O7'" 1 
HETATM 174 C "C5'" . TPN A 1 10 ? 3.458   3.699   -33.183 1.00 57.08 ? 110 TPN A "C5'" 1 
HETATM 175 C C     . TPN A 1 10 ? 2.281   2.740   -33.456 1.00 58.84 ? 110 TPN A C     1 
HETATM 176 O O     . TPN A 1 10 ? 2.462   1.630   -33.953 1.00 60.40 ? 110 TPN A O     1 
HETATM 177 N "N4'" . TPN A 1 10 ? 4.133   3.330   -31.922 1.00 54.91 ? 110 TPN A "N4'" 1 
HETATM 178 C "C3'" . TPN A 1 10 ? 3.542   3.899   -30.708 1.00 54.26 ? 110 TPN A "C3'" 1 
HETATM 179 C "C2'" . TPN A 1 10 ? 3.843   5.408   -30.613 1.00 52.53 ? 110 TPN A "C2'" 1 
HETATM 180 N N     . TPN A 1 10 ? 5.233   5.675   -30.283 1.00 51.78 ? 110 TPN A N     1 
HETATM 181 N N1    . TPN A 1 10 ? 6.318   0.490   -31.129 1.00 47.73 ? 110 TPN A N1    1 
HETATM 182 C C6    . TPN A 1 10 ? 7.687   0.413   -31.257 1.00 46.29 ? 110 TPN A C6    1 
HETATM 183 C C2    . TPN A 1 10 ? 5.523   -0.621  -31.335 1.00 47.61 ? 110 TPN A C2    1 
HETATM 184 O O2    . TPN A 1 10 ? 4.304   -0.594  -31.242 1.00 48.64 ? 110 TPN A O2    1 
HETATM 185 N N3    . TPN A 1 10 ? 6.206   -1.770  -31.654 1.00 43.78 ? 110 TPN A N3    1 
HETATM 186 C C4    . TPN A 1 10 ? 7.571   -1.916  -31.789 1.00 44.93 ? 110 TPN A C4    1 
HETATM 187 O O4    . TPN A 1 10 ? 8.043   -3.012  -32.076 1.00 44.03 ? 110 TPN A O4    1 
HETATM 188 C C5    . TPN A 1 10 ? 8.347   -0.710  -31.566 1.00 45.96 ? 110 TPN A C5    1 
HETATM 189 C C5M   . TPN A 1 10 ? 9.837   -0.767  -31.685 1.00 42.64 ? 110 TPN A C5M   1 
ATOM   190 N N     . LYS A 1 11 ? 1.063   3.162   -33.132 1.00 59.45 ? 111 LYS A N     1 
HETATM 191 C "C8'" A APN B 1 3  ? -1.612  -4.547  -1.390  0.50 43.25 ? 203 APN B "C8'" 1 
HETATM 192 C "C8'" B APN B 1 3  ? 4.285   -2.061  0.808   0.50 40.94 ? 203 APN B "C8'" 1 
HETATM 193 C "C7'" A APN B 1 3  ? -0.831  -5.411  -0.392  0.50 43.23 ? 203 APN B "C7'" 1 
HETATM 194 C "C7'" B APN B 1 3  ? 4.774   -3.006  1.910   0.50 41.99 ? 203 APN B "C7'" 1 
HETATM 195 O "O7'" A APN B 1 3  ? -0.522  -4.973  0.714   0.50 39.67 ? 203 APN B "O7'" 1 
HETATM 196 O "O7'" B APN B 1 3  ? 4.356   -2.898  3.056   0.50 40.43 ? 203 APN B "O7'" 1 
HETATM 197 C "C5'" A APN B 1 3  ? 0.751   -7.228  -0.085  0.50 44.11 ? 203 APN B "C5'" 1 
HETATM 198 C "C5'" B APN B 1 3  ? 5.175   -5.329  1.370   0.50 43.63 ? 203 APN B "C5'" 1 
HETATM 199 C C     A APN B 1 3  ? 0.439   -7.742  1.328   0.50 42.09 ? 203 APN B C     1 
HETATM 200 C C     B APN B 1 3  ? 5.244   -6.169  2.652   0.50 44.35 ? 203 APN B C     1 
HETATM 201 O O     A APN B 1 3  ? -0.616  -7.443  1.882   0.50 40.93 ? 203 APN B O     1 
HETATM 202 O O     B APN B 1 3  ? 5.649   -5.675  3.704   0.50 43.69 ? 203 APN B O     1 
HETATM 203 N "N4'" A APN B 1 3  ? -0.476  -6.673  -0.703  0.50 44.86 ? 203 APN B "N4'" 1 
HETATM 204 N "N4'" B APN B 1 3  ? 5.671   -3.969  1.644   0.50 42.43 ? 203 APN B "N4'" 1 
HETATM 205 C "C3'" A APN B 1 3  ? -1.206  -7.584  -1.608  0.50 45.37 ? 203 APN B "C3'" 1 
HETATM 206 C "C3'" B APN B 1 3  ? 7.128   -3.803  1.595   0.50 41.39 ? 203 APN B "C3'" 1 
HETATM 207 C "C2'" A APN B 1 3  ? -2.708  -7.687  -1.235  0.50 45.76 ? 203 APN B "C2'" 1 
HETATM 208 C "C2'" B APN B 1 3  ? 7.559   -2.916  0.409   0.50 39.54 ? 203 APN B "C2'" 1 
HETATM 209 N N     A APN B 1 3  ? -3.187  -9.055  -1.147  0.50 47.22 ? 203 APN B N     1 
HETATM 210 N N     B APN B 1 3  ? 8.267   -1.723  0.835   0.50 39.20 ? 203 APN B N     1 
HETATM 211 N N9    A APN B 1 3  ? -1.121  -3.187  -1.371  0.50 44.74 ? 203 APN B N9    1 
HETATM 212 N N9    B APN B 1 3  ? 2.999   -1.518  1.173   0.50 41.22 ? 203 APN B N9    1 
HETATM 213 C C8    A APN B 1 3  ? 0.157   -2.712  -1.548  0.50 44.46 ? 203 APN B C8    1 
HETATM 214 C C8    B APN B 1 3  ? 1.789   -2.152  1.318   0.50 41.31 ? 203 APN B C8    1 
HETATM 215 N N7    A APN B 1 3  ? 0.249   -1.406  -1.482  0.50 44.33 ? 203 APN B N7    1 
HETATM 216 N N7    B APN B 1 3  ? 0.808   -1.350  1.660   0.50 41.15 ? 203 APN B N7    1 
HETATM 217 C C5    A APN B 1 3  ? -1.057  -0.991  -1.245  0.50 44.39 ? 203 APN B C5    1 
HETATM 218 C C5    B APN B 1 3  ? 1.414   -0.101  1.745   0.50 41.11 ? 203 APN B C5    1 
HETATM 219 C C6    A APN B 1 3  ? -1.629  0.282   -1.077  0.50 44.32 ? 203 APN B C6    1 
HETATM 220 C C6    B APN B 1 3  ? 0.915   1.175   2.063   0.50 41.17 ? 203 APN B C6    1 
HETATM 221 N N6    A APN B 1 3  ? -0.934  1.420   -1.125  0.50 44.40 ? 203 APN B N6    1 
HETATM 222 N N6    B APN B 1 3  ? -0.362  1.418   2.379   0.50 39.38 ? 203 APN B N6    1 
HETATM 223 N N1    A APN B 1 3  ? -2.960  0.348   -0.856  0.50 44.74 ? 203 APN B N1    1 
HETATM 224 N N1    B APN B 1 3  ? 1.785   2.210   2.049   0.50 42.03 ? 203 APN B N1    1 
HETATM 225 C C2    A APN B 1 3  ? -3.657  -0.794  -0.812  0.50 45.06 ? 203 APN B C2    1 
HETATM 226 C C2    B APN B 1 3  ? 3.066   1.967   1.744   0.50 42.11 ? 203 APN B C2    1 
HETATM 227 N N3    A APN B 1 3  ? -3.234  -2.047  -0.956  0.50 45.01 ? 203 APN B N3    1 
HETATM 228 N N3    B APN B 1 3  ? 3.654   0.814   1.432   0.50 42.36 ? 203 APN B N3    1 
HETATM 229 C C4    A APN B 1 3  ? -1.907  -2.078  -1.173  0.50 44.45 ? 203 APN B C4    1 
HETATM 230 C C4    B APN B 1 3  ? 2.762   -0.193  1.449   0.50 41.60 ? 203 APN B C4    1 
HETATM 231 C "C8'" . GPN B 1 4  ? 1.284   -5.346  4.066   1.00 43.26 ? 204 GPN B "C8'" 1 
HETATM 232 C "C7'" . GPN B 1 4  ? 1.812   -6.077  5.285   1.00 44.60 ? 204 GPN B "C7'" 1 
HETATM 233 O "O7'" . GPN B 1 4  ? 1.590   -5.647  6.419   1.00 46.76 ? 204 GPN B "O7'" 1 
HETATM 234 C "C5'" . GPN B 1 4  ? 3.198   -7.732  6.361   1.00 43.42 ? 204 GPN B "C5'" 1 
HETATM 235 C C     . GPN B 1 4  ? 2.191   -8.389  7.311   1.00 43.13 ? 204 GPN B C     1 
HETATM 236 O O     . GPN B 1 4  ? 2.418   -8.451  8.516   1.00 44.66 ? 204 GPN B O     1 
HETATM 237 N "N4'" . GPN B 1 4  ? 2.535   -7.192  5.153   1.00 44.32 ? 204 GPN B "N4'" 1 
HETATM 238 C "C3'" . GPN B 1 4  ? 2.783   -7.923  3.894   1.00 43.45 ? 204 GPN B "C3'" 1 
HETATM 239 C "C2'" A GPN B 1 4  ? 1.517   -8.636  3.360   0.50 41.79 ? 204 GPN B "C2'" 1 
HETATM 240 C "C2'" B GPN B 1 4  ? 4.291   -8.182  3.681   0.50 43.57 ? 204 GPN B "C2'" 1 
HETATM 241 N N     A GPN B 1 4  ? 1.359   -8.519  1.913   0.50 41.58 ? 204 GPN B N     1 
HETATM 242 N N     B GPN B 1 4  ? 4.849   -7.439  2.565   0.50 44.09 ? 204 GPN B N     1 
HETATM 243 N N9    . GPN B 1 4  ? 0.778   -4.069  4.477   1.00 44.98 ? 204 GPN B N9    1 
HETATM 244 C C8    . GPN B 1 4  ? 1.428   -2.863  4.554   1.00 43.61 ? 204 GPN B C8    1 
HETATM 245 N N7    . GPN B 1 4  ? 0.654   -1.892  4.956   1.00 42.62 ? 204 GPN B N7    1 
HETATM 246 C C5    . GPN B 1 4  ? -0.575  -2.493  5.161   1.00 42.50 ? 204 GPN B C5    1 
HETATM 247 C C6    . GPN B 1 4  ? -1.796  -1.942  5.603   1.00 42.38 ? 204 GPN B C6    1 
HETATM 248 O O6    . GPN B 1 4  ? -2.043  -0.768  5.898   1.00 41.18 ? 204 GPN B O6    1 
HETATM 249 N N1    . GPN B 1 4  ? -2.794  -2.907  5.685   1.00 45.36 ? 204 GPN B N1    1 
HETATM 250 C C2    . GPN B 1 4  ? -2.641  -4.238  5.372   1.00 45.04 ? 204 GPN B C2    1 
HETATM 251 N N2    . GPN B 1 4  ? -3.730  -5.015  5.516   1.00 43.28 ? 204 GPN B N2    1 
HETATM 252 N N3    . GPN B 1 4  ? -1.505  -4.766  4.950   1.00 43.47 ? 204 GPN B N3    1 
HETATM 253 C C4    . GPN B 1 4  ? -0.524  -3.842  4.872   1.00 44.55 ? 204 GPN B C4    1 
HETATM 254 C "C8'" . APN B 1 5  ? -1.785  -6.717  7.934   1.00 36.42 ? 205 APN B "C8'" 1 
HETATM 255 C "C7'" . APN B 1 5  ? -1.353  -7.534  9.157   1.00 38.53 ? 205 APN B "C7'" 1 
HETATM 256 O "O7'" . APN B 1 5  ? -1.181  -7.004  10.261  1.00 38.45 ? 205 APN B "O7'" 1 
HETATM 257 C "C5'" . APN B 1 5  ? -0.886  -9.628  10.280  1.00 35.22 ? 205 APN B "C5'" 1 
HETATM 258 C C     . APN B 1 5  ? -2.133  -9.739  11.202  1.00 31.80 ? 205 APN B C     1 
HETATM 259 O O     . APN B 1 5  ? -1.999  -10.028 12.386  1.00 31.81 ? 205 APN B O     1 
HETATM 260 N "N4'" . APN B 1 5  ? -1.144  -8.848  9.047   1.00 39.17 ? 205 APN B "N4'" 1 
HETATM 261 C "C3'" . APN B 1 5  ? -1.113  -9.607  7.786   1.00 40.17 ? 205 APN B "C3'" 1 
HETATM 262 C "C2'" . APN B 1 5  ? 0.330   -9.994  7.384   1.00 43.20 ? 205 APN B "C2'" 1 
HETATM 263 N N     . APN B 1 5  ? 1.079   -8.897  6.775   1.00 44.45 ? 205 APN B N     1 
HETATM 264 N N9    . APN B 1 5  ? -1.844  -5.315  8.275   1.00 37.19 ? 205 APN B N9    1 
HETATM 265 C C8    . APN B 1 5  ? -0.854  -4.372  8.269   1.00 35.88 ? 205 APN B C8    1 
HETATM 266 N N7    . APN B 1 5  ? -1.255  -3.182  8.642   1.00 34.22 ? 205 APN B N7    1 
HETATM 267 C C5    . APN B 1 5  ? -2.602  -3.351  8.908   1.00 34.64 ? 205 APN B C5    1 
HETATM 268 C C6    . APN B 1 5  ? -3.598  -2.462  9.350   1.00 35.67 ? 205 APN B C6    1 
HETATM 269 N N6    . APN B 1 5  ? -3.378  -1.169  9.608   1.00 30.79 ? 205 APN B N6    1 
HETATM 270 N N1    . APN B 1 5  ? -4.846  -2.956  9.526   1.00 35.14 ? 205 APN B N1    1 
HETATM 271 C C2    . APN B 1 5  ? -5.065  -4.251  9.271   1.00 35.50 ? 205 APN B C2    1 
HETATM 272 N N3    . APN B 1 5  ? -4.210  -5.186  8.852   1.00 37.19 ? 205 APN B N3    1 
HETATM 273 C C4    . APN B 1 5  ? -2.982  -4.662  8.687   1.00 37.24 ? 205 APN B C4    1 
HETATM 274 C "C8'" . TPN B 1 6  ? -4.842  -6.400  11.953  1.00 33.26 ? 206 TPN B "C8'" 1 
HETATM 275 C "C7'" . TPN B 1 6  ? -4.929  -7.348  13.163  1.00 34.17 ? 206 TPN B "C7'" 1 
HETATM 276 O "O7'" . TPN B 1 6  ? -4.681  -6.954  14.305  1.00 33.50 ? 206 TPN B "O7'" 1 
HETATM 277 C "C5'" . TPN B 1 6  ? -5.163  -9.545  14.177  1.00 32.66 ? 206 TPN B "C5'" 1 
HETATM 278 C C     . TPN B 1 6  ? -6.474  -9.602  14.996  1.00 32.24 ? 206 TPN B C     1 
HETATM 279 O O     . TPN B 1 6  ? -6.591  -10.353 15.966  1.00 31.96 ? 206 TPN B O     1 
HETATM 280 N "N4'" . TPN B 1 6  ? -5.258  -8.636  12.996  1.00 33.18 ? 206 TPN B "N4'" 1 
HETATM 281 C "C3'" . TPN B 1 6  ? -5.658  -9.254  11.719  1.00 30.59 ? 206 TPN B "C3'" 1 
HETATM 282 C "C2'" . TPN B 1 6  ? -4.561  -10.209 11.158  1.00 31.53 ? 206 TPN B "C2'" 1 
HETATM 283 N N     . TPN B 1 6  ? -3.347  -9.535  10.675  1.00 30.54 ? 206 TPN B N     1 
HETATM 284 N N1    . TPN B 1 6  ? -4.506  -5.033  12.315  1.00 34.00 ? 206 TPN B N1    1 
HETATM 285 C C6    . TPN B 1 6  ? -3.206  -4.586  12.187  1.00 35.64 ? 206 TPN B C6    1 
HETATM 286 C C2    . TPN B 1 6  ? -5.492  -4.207  12.797  1.00 35.84 ? 206 TPN B C2    1 
HETATM 287 O O2    . TPN B 1 6  ? -6.656  -4.565  12.915  1.00 35.08 ? 206 TPN B O2    1 
HETATM 288 N N3    . TPN B 1 6  ? -5.068  -2.940  13.135  1.00 35.37 ? 206 TPN B N3    1 
HETATM 289 C C4    . TPN B 1 6  ? -3.789  -2.431  13.027  1.00 35.60 ? 206 TPN B C4    1 
HETATM 290 O O4    . TPN B 1 6  ? -3.557  -1.272  13.347  1.00 37.66 ? 206 TPN B O4    1 
HETATM 291 C C5    . TPN B 1 6  ? -2.805  -3.348  12.518  1.00 36.70 ? 206 TPN B C5    1 
HETATM 292 C C5M   . TPN B 1 6  ? -1.389  -2.882  12.384  1.00 32.00 ? 206 TPN B C5M   1 
HETATM 293 C "C8'" . CPN B 1 7  ? -7.293  -5.624  16.156  1.00 34.99 ? 207 CPN B "C8'" 1 
HETATM 294 C "C7'" . CPN B 1 7  ? -7.401  -6.622  17.313  1.00 34.26 ? 207 CPN B "C7'" 1 
HETATM 295 O "O7'" . CPN B 1 7  ? -6.714  -6.502  18.320  1.00 30.00 ? 207 CPN B "O7'" 1 
HETATM 296 C "C5'" A CPN B 1 7  ? -8.217  -8.654  18.341  0.50 33.08 ? 207 CPN B "C5'" 1 
HETATM 297 C "C5'" B CPN B 1 7  ? -8.397  -8.513  18.416  0.50 36.15 ? 207 CPN B "C5'" 1 
HETATM 298 C C     A CPN B 1 7  ? -8.991  -8.210  19.595  0.50 34.52 ? 207 CPN B C     1 
HETATM 299 C C     B CPN B 1 7  ? -9.511  -7.864  19.184  0.50 39.42 ? 207 CPN B C     1 
HETATM 300 O O     A CPN B 1 7  ? -8.840  -8.784  20.670  0.50 31.80 ? 207 CPN B O     1 
HETATM 301 O O     B CPN B 1 7  ? -10.164 -6.956  18.655  0.50 40.70 ? 207 CPN B O     1 
HETATM 302 N "N4'" . CPN B 1 7  ? -8.264  -7.642  17.250  1.00 33.90 ? 207 CPN B "N4'" 1 
HETATM 303 C "C3'" . CPN B 1 7  ? -9.233  -7.891  16.160  1.00 31.33 ? 207 CPN B "C3'" 1 
HETATM 304 C "C2'" . CPN B 1 7  ? -8.797  -8.994  15.179  1.00 33.47 ? 207 CPN B "C2'" 1 
HETATM 305 N N     . CPN B 1 7  ? -7.467  -8.821  14.628  1.00 32.97 ? 207 CPN B N     1 
HETATM 306 N N1    . CPN B 1 7  ? -6.528  -4.425  16.478  1.00 38.81 ? 207 CPN B N1    1 
HETATM 307 C C2    . CPN B 1 7  ? -7.151  -3.304  17.069  1.00 39.66 ? 207 CPN B C2    1 
HETATM 308 N N3    . CPN B 1 7  ? -6.427  -2.189  17.300  1.00 40.10 ? 207 CPN B N3    1 
HETATM 309 C C4    . CPN B 1 7  ? -5.137  -2.153  16.965  1.00 40.01 ? 207 CPN B C4    1 
HETATM 310 C C5    . CPN B 1 7  ? -4.473  -3.279  16.388  1.00 39.02 ? 207 CPN B C5    1 
HETATM 311 C C6    . CPN B 1 7  ? -5.199  -4.379  16.164  1.00 38.12 ? 207 CPN B C6    1 
HETATM 312 O O2    . CPN B 1 7  ? -8.352  -3.366  17.367  1.00 41.16 ? 207 CPN B O2    1 
HETATM 313 N N4    . CPN B 1 7  ? -4.471  -1.018  17.178  1.00 38.61 ? 207 CPN B N4    1 
HETATM 314 C "C8'" . APN B 1 8  ? -8.036  -4.227  20.544  1.00 42.84 ? 208 APN B "C8'" 1 
HETATM 315 C "C7'" . APN B 1 8  ? -8.131  -5.125  21.782  1.00 43.09 ? 208 APN B "C7'" 1 
HETATM 316 O "O7'" . APN B 1 8  ? -7.181  -5.243  22.542  1.00 40.70 ? 208 APN B "O7'" 1 
HETATM 317 C "C5'" A APN B 1 8  ? -9.262  -6.710  23.189  0.50 42.58 ? 208 APN B "C5'" 1 
HETATM 318 C "C5'" B APN B 1 8  ? -9.355  -6.683  23.263  0.50 44.07 ? 208 APN B "C5'" 1 
HETATM 319 C C     A APN B 1 8  ? -9.236  -5.869  24.453  0.50 44.87 ? 208 APN B C     1 
HETATM 320 C C     B APN B 1 8  ? -8.660  -6.259  24.565  0.50 46.75 ? 208 APN B C     1 
HETATM 321 O O     A APN B 1 8  ? -9.856  -4.806  24.533  0.50 42.66 ? 208 APN B O     1 
HETATM 322 O O     B APN B 1 8  ? -7.727  -6.927  25.001  0.50 47.42 ? 208 APN B O     1 
HETATM 323 N "N4'" . APN B 1 8  ? -9.256  -5.817  22.049  1.00 43.57 ? 208 APN B "N4'" 1 
HETATM 324 C "C3'" A APN B 1 8  ? -10.532 -5.687  21.322  0.50 40.86 ? 208 APN B "C3'" 1 
HETATM 325 C "C3'" B APN B 1 8  ? -10.421 -6.008  21.197  0.50 41.75 ? 208 APN B "C3'" 1 
HETATM 326 C "C2'" A APN B 1 8  ? -10.860 -6.910  20.434  0.50 39.96 ? 208 APN B "C2'" 1 
HETATM 327 C "C2'" B APN B 1 8  ? -10.734 -7.531  21.157  0.50 41.53 ? 208 APN B "C2'" 1 
HETATM 328 N N     A APN B 1 8  ? -9.828  -7.192  19.464  0.50 37.21 ? 208 APN B N     1 
HETATM 329 N N     B APN B 1 8  ? -9.733  -8.230  20.408  0.50 40.06 ? 208 APN B N     1 
HETATM 330 N N9    . APN B 1 8  ? -6.796  -3.470  20.558  1.00 46.24 ? 208 APN B N9    1 
HETATM 331 C C8    . APN B 1 8  ? -5.512  -3.893  20.297  1.00 48.13 ? 208 APN B C8    1 
HETATM 332 N N7    . APN B 1 8  ? -4.611  -2.941  20.377  1.00 47.50 ? 208 APN B N7    1 
HETATM 333 C C5    . APN B 1 8  ? -5.348  -1.813  20.714  1.00 47.99 ? 208 APN B C5    1 
HETATM 334 C C6    . APN B 1 8  ? -4.980  -0.474  20.944  1.00 47.45 ? 208 APN B C6    1 
HETATM 335 N N6    . APN B 1 8  ? -3.721  -0.027  20.870  1.00 47.37 ? 208 APN B N6    1 
HETATM 336 N N1    . APN B 1 8  ? -5.959  0.400   21.261  1.00 46.95 ? 208 APN B N1    1 
HETATM 337 C C2    . APN B 1 8  ? -7.220  -0.047  21.339  1.00 46.36 ? 208 APN B C2    1 
HETATM 338 N N3    . APN B 1 8  ? -7.693  -1.276  21.143  1.00 47.33 ? 208 APN B N3    1 
HETATM 339 C C4    . APN B 1 8  ? -6.697  -2.124  20.832  1.00 47.10 ? 208 APN B C4    1 
HETATM 340 C "C8'" . CPN B 1 9  ? -8.364  -2.467  27.742  1.00 42.63 ? 209 CPN B "C8'" 1 
HETATM 341 C "C7'" . CPN B 1 9  ? -7.964  -3.383  28.900  1.00 45.42 ? 209 CPN B "C7'" 1 
HETATM 342 O "O7'" . CPN B 1 9  ? -7.857  -2.941  30.033  1.00 46.25 ? 209 CPN B "O7'" 1 
HETATM 343 C "C5'" . CPN B 1 9  ? -7.667  -5.589  29.860  1.00 48.56 ? 209 CPN B "C5'" 1 
HETATM 344 C C     . CPN B 1 9  ? -6.338  -5.417  30.606  1.00 50.60 ? 209 CPN B C     1 
HETATM 345 O O     . CPN B 1 9  ? -6.286  -5.549  31.825  1.00 52.60 ? 209 CPN B O     1 
HETATM 346 N "N4'" . CPN B 1 9  ? -7.741  -4.686  28.693  1.00 47.63 ? 209 CPN B "N4'" 1 
HETATM 347 C "C3'" A CPN B 1 9  ? -7.461  -5.326  27.408  0.50 47.38 ? 209 CPN B "C3'" 1 
HETATM 348 C "C3'" B CPN B 1 9  ? -7.702  -5.327  27.364  0.50 47.33 ? 209 CPN B "C3'" 1 
HETATM 349 C "C2'" A CPN B 1 9  ? -8.715  -5.969  26.812  0.50 46.01 ? 209 CPN B "C2'" 1 
HETATM 350 C "C2'" B CPN B 1 9  ? -9.112  -5.237  26.678  0.50 46.12 ? 209 CPN B "C2'" 1 
HETATM 351 N N     A CPN B 1 9  ? -8.513  -6.349  25.442  0.50 45.34 ? 209 CPN B N     1 
HETATM 352 N N     B CPN B 1 9  ? -9.115  -5.227  25.226  0.50 46.81 ? 209 CPN B N     1 
HETATM 353 N N1    . CPN B 1 9  ? -8.467  -1.079  28.140  1.00 41.35 ? 209 CPN B N1    1 
HETATM 354 C C2    . CPN B 1 9  ? -7.305  -0.320  28.325  1.00 40.62 ? 209 CPN B C2    1 
HETATM 355 N N3    . CPN B 1 9  ? -7.415  0.971   28.720  1.00 39.38 ? 209 CPN B N3    1 
HETATM 356 C C4    . CPN B 1 9  ? -8.620  1.509   28.921  1.00 38.78 ? 209 CPN B C4    1 
HETATM 357 C C5    . CPN B 1 9  ? -9.819  0.759   28.736  1.00 39.35 ? 209 CPN B C5    1 
HETATM 358 C C6    . CPN B 1 9  ? -9.696  -0.518  28.350  1.00 40.56 ? 209 CPN B C6    1 
HETATM 359 O O2    . CPN B 1 9  ? -6.199  -0.854  28.123  1.00 39.11 ? 209 CPN B O2    1 
HETATM 360 N N4    . CPN B 1 9  ? -8.678  2.788   29.307  1.00 35.71 ? 209 CPN B N4    1 
HETATM 361 C "C8'" . TPN B 1 10 ? -5.342  -1.569  31.248  1.00 48.39 ? 210 TPN B "C8'" 1 
HETATM 362 C "C7'" . TPN B 1 10 ? -4.850  -2.403  32.435  1.00 52.13 ? 210 TPN B "C7'" 1 
HETATM 363 O "O7'" . TPN B 1 10 ? -5.266  -2.146  33.566  1.00 52.79 ? 210 TPN B "O7'" 1 
HETATM 364 C "C5'" . TPN B 1 10 ? -3.435  -4.205  33.415  1.00 55.22 ? 210 TPN B "C5'" 1 
HETATM 365 C C     . TPN B 1 10 ? -4.462  -4.355  34.565  1.00 57.69 ? 210 TPN B C     1 
HETATM 366 O O     . TPN B 1 10 ? -4.138  -4.179  35.741  1.00 56.96 ? 210 TPN B O     1 
HETATM 367 N "N4'" . TPN B 1 10 ? -3.955  -3.418  32.247  1.00 53.75 ? 210 TPN B "N4'" 1 
HETATM 368 C "C3'" . TPN B 1 10 ? -3.384  -3.805  30.937  1.00 54.75 ? 210 TPN B "C3'" 1 
HETATM 369 C "C2'" . TPN B 1 10 ? -3.901  -5.179  30.426  1.00 54.08 ? 210 TPN B "C2'" 1 
HETATM 370 N N     . TPN B 1 10 ? -5.254  -5.128  29.880  1.00 51.64 ? 210 TPN B N     1 
HETATM 371 N N1    . TPN B 1 10 ? -6.191  -0.461  31.661  1.00 45.89 ? 210 TPN B N1    1 
HETATM 372 C C6    . TPN B 1 10 ? -7.556  -0.637  31.779  1.00 44.90 ? 210 TPN B C6    1 
HETATM 373 C C2    . TPN B 1 10 ? -5.611  0.753   31.934  1.00 46.01 ? 210 TPN B C2    1 
HETATM 374 O O2    . TPN B 1 10 ? -4.413  0.947   31.832  1.00 46.70 ? 210 TPN B O2    1 
HETATM 375 N N3    . TPN B 1 10 ? -6.484  1.738   32.328  1.00 43.91 ? 210 TPN B N3    1 
HETATM 376 C C4    . TPN B 1 10 ? -7.854  1.636   32.463  1.00 43.82 ? 210 TPN B C4    1 
HETATM 377 O O4    . TPN B 1 10 ? -8.509  2.610   32.822  1.00 41.84 ? 210 TPN B O4    1 
HETATM 378 C C5    . TPN B 1 10 ? -8.405  0.332   32.152  1.00 44.80 ? 210 TPN B C5    1 
HETATM 379 C C5M   . TPN B 1 10 ? -9.885  0.127   32.252  1.00 39.74 ? 210 TPN B C5M   1 
ATOM   380 N N     . LYS B 1 11 ? -5.708  -4.673  34.234  1.00 58.35 ? 211 LYS B N     1 
HETATM 381 O O     . HOH C 2 .  ? 8.585   6.684   -12.210 1.00 41.99 ? 1   HOH A O     1 
HETATM 382 O O     . HOH C 2 .  ? 11.750  -3.999  -28.485 1.00 44.56 ? 4   HOH A O     1 
HETATM 383 O O     . HOH C 2 .  ? 5.122   -0.155  -34.948 1.00 55.81 ? 6   HOH A O     1 
HETATM 384 O O     . HOH C 2 .  ? 2.478   -1.255  -34.577 1.00 43.76 ? 8   HOH A O     1 
HETATM 385 O O     . HOH C 2 .  ? 4.543   7.293   -8.138  1.00 39.77 ? 9   HOH A O     1 
HETATM 386 O O     . HOH C 2 .  ? -6.401  -0.087  -0.346  1.00 36.25 ? 11  HOH A O     1 
HETATM 387 O O     . HOH C 2 .  ? 2.145   10.471  -1.762  1.00 58.87 ? 12  HOH A O     1 
HETATM 388 O O     . HOH C 2 .  ? 6.079   11.856  2.192   1.00 47.79 ? 13  HOH A O     1 
HETATM 389 O O     . HOH C 2 .  ? 0.469   10.297  -13.003 1.00 28.60 ? 14  HOH A O     1 
HETATM 390 O O     . HOH C 2 .  ? 1.491   5.463   -14.795 1.00 56.44 ? 16  HOH A O     1 
HETATM 391 O O     . HOH C 2 .  ? 3.399   10.142  -17.507 1.00 61.66 ? 17  HOH A O     1 
HETATM 392 O O     . HOH C 2 .  ? -2.261  10.464  -8.859  1.00 58.16 ? 20  HOH A O     1 
HETATM 393 O O     . HOH C 2 .  ? 2.711   6.659   -17.038 1.00 51.37 ? 22  HOH A O     1 
HETATM 394 O O     . HOH C 2 .  ? 8.249   3.917   -33.341 1.00 54.63 ? 24  HOH A O     1 
HETATM 395 O O     . HOH C 2 .  ? 4.947   10.574  -20.170 1.00 51.53 ? 25  HOH A O     1 
HETATM 396 O O     . HOH C 2 .  ? -10.181 4.027   -1.626  1.00 49.89 ? 30  HOH A O     1 
HETATM 397 O O     . HOH C 2 .  ? 8.371   9.735   -24.701 1.00 50.69 ? 31  HOH A O     1 
HETATM 398 O O     . HOH C 2 .  ? 12.290  4.107   -29.642 1.00 68.58 ? 32  HOH A O     1 
HETATM 399 O O     . HOH C 2 .  ? 4.257   6.915   -20.284 1.00 62.02 ? 33  HOH A O     1 
HETATM 400 O O     . HOH D 2 .  ? -11.497 4.583   29.289  1.00 45.20 ? 2   HOH B O     1 
HETATM 401 O O     . HOH D 2 .  ? -4.695  -8.397  8.588   1.00 46.72 ? 3   HOH B O     1 
HETATM 402 O O     . HOH D 2 .  ? -7.982  -7.043  12.736  1.00 20.64 ? 5   HOH B O     1 
HETATM 403 O O     . HOH D 2 .  ? -4.388  -0.095  36.260  1.00 42.79 ? 7   HOH B O     1 
HETATM 404 O O     . HOH D 2 .  ? -11.246 4.104   32.276  1.00 65.59 ? 10  HOH B O     1 
HETATM 405 O O     . HOH D 2 .  ? 2.401   -4.915  -1.459  1.00 58.62 ? 15  HOH B O     1 
HETATM 406 O O     . HOH D 2 .  ? -1.491  -0.316  16.077  1.00 51.24 ? 18  HOH B O     1 
HETATM 407 O O     . HOH D 2 .  ? -0.791  -8.193  4.882   1.00 42.27 ? 19  HOH B O     1 
HETATM 408 O O     . HOH D 2 .  ? -4.210  -11.255 -2.024  1.00 53.38 ? 21  HOH B O     1 
HETATM 409 O O     . HOH D 2 .  ? -6.147  -9.214  -0.688  1.00 40.40 ? 23  HOH B O     1 
HETATM 410 O O     . HOH D 2 .  ? -0.484  -9.690  15.620  1.00 65.29 ? 26  HOH B O     1 
HETATM 411 O O     . HOH D 2 .  ? 10.178  -0.781  3.339   1.00 36.98 ? 27  HOH B O     1 
HETATM 412 O O     . HOH D 2 .  ? -11.329 -11.481 20.579  1.00 49.92 ? 28  HOH B O     1 
HETATM 413 O O     . HOH D 2 .  ? -11.661 -10.128 18.284  1.00 50.99 ? 29  HOH B O     1 
# 
